data_3J2J
#
_entry.id   3J2J
#
_cell.length_a   1
_cell.length_b   1
_cell.length_c   1
_cell.angle_alpha   90
_cell.angle_beta   90
_cell.angle_gamma   90
#
_symmetry.space_group_name_H-M   'P 1'
#
loop_
_entity.id
_entity.type
_entity.pdbx_description
1 polymer 'Protein VP1'
2 polymer 'Protein VP3'
3 polymer 'Protein VP2'
#
loop_
_entity_poly.entity_id
_entity_poly.type
_entity_poly.pdbx_seq_one_letter_code
_entity_poly.pdbx_strand_id
1 'polypeptide(L)'
;TVENFLGRSACVYMEEYKTTDNDVNKKFVAWPINTKQMVQMRRKLEMFTYLRFDMEVTFVITSRQDPGTTLAQDMPVLTH
QIMYVPPGGPIPAKVDDYAWQTSTNPSIFWTEGNAPARMSIPFISIGNAYSNFYDGWSNFDQRGSYGYNTLNNLGHIYVR
HVSGSSPHPITSTIRVYFKPKHTRAWVPRPPRLCQYKKAFSVDFTPTPITDTRKDINTVTTV
;
A
2 'polypeptide(L)'
;GLPTMNTPGSTQFLTSDDFQSPCALPQFDVTPSMNIPGEVKNLMEIAEVDSVVPVNNVQDTTDQMEMFRIPVTINAPLQQ
QVFGLRLQPGLDSVFKHTLLGEILNYYAHWSGSMKLTFVFCGSAMATGKFLIAYSPPGANPPKTRKDAMLGTHIIWDIGL
QSSCVLCVPWISQTHYRLVQQDEYTSAGYVTCWYQTGMIVPPGTPNSSSIMCFASACNDFSVRMLRDTPFISQDNKLQ
;
B
3 'polypeptide(L)'
;SDRVRSITLGNSTITTQECANVVVGYGRWPTYLRDDEATAEDQPTQPDVATCRFYTLDSIKWEKGSVGWWWKFPEALSDM
GLFGQNMQYHYLGRAGYTIHVQCNASKFHQGCLLVVCVPEAEMGGAVVGQAFSATAMANGDKAYEFTSATQSDQTKVQTA
IHNAGMGVGVGNLTIYPHQWINLRTNNSATIVMPYINSVPMDNMFRHYNFTLMVIPFVKLDYADTASTYVPITVTVAPMC
AEYNGLRLAQAQ
;
C
#
# COMPACT_ATOMS: atom_id res chain seq x y z
N THR A 1 -2.94 -15.56 -7.55
CA THR A 1 -3.77 -14.64 -8.32
C THR A 1 -4.58 -13.87 -7.29
N VAL A 2 -5.03 -12.65 -7.57
CA VAL A 2 -5.79 -11.95 -6.54
C VAL A 2 -7.07 -12.68 -6.20
N GLU A 3 -7.69 -13.32 -7.19
CA GLU A 3 -8.92 -14.08 -6.96
C GLU A 3 -8.65 -15.14 -5.90
N ASN A 4 -7.51 -15.80 -6.01
CA ASN A 4 -7.16 -16.84 -5.06
C ASN A 4 -6.71 -16.37 -3.69
N PHE A 5 -5.97 -15.28 -3.67
CA PHE A 5 -5.50 -14.72 -2.44
C PHE A 5 -6.67 -14.22 -1.58
N LEU A 6 -7.61 -13.52 -2.20
CA LEU A 6 -8.75 -13.00 -1.46
C LEU A 6 -9.91 -13.97 -1.29
N GLY A 7 -9.98 -14.97 -2.17
CA GLY A 7 -11.06 -15.95 -2.16
C GLY A 7 -11.15 -17.08 -1.14
N ARG A 8 -11.09 -16.75 0.15
CA ARG A 8 -11.24 -17.72 1.25
C ARG A 8 -12.12 -16.99 2.23
N SER A 9 -13.03 -17.70 2.88
CA SER A 9 -13.93 -17.03 3.83
C SER A 9 -13.13 -16.62 5.05
N ALA A 10 -13.35 -15.38 5.50
CA ALA A 10 -12.66 -14.86 6.69
C ALA A 10 -13.68 -14.29 7.66
N CYS A 11 -13.46 -14.49 8.95
CA CYS A 11 -14.39 -13.95 9.95
C CYS A 11 -14.23 -12.42 9.99
N VAL A 12 -15.33 -11.71 9.72
CA VAL A 12 -15.27 -10.26 9.74
C VAL A 12 -16.01 -9.65 10.92
N TYR A 13 -16.77 -10.46 11.66
CA TYR A 13 -17.50 -9.98 12.81
C TYR A 13 -18.08 -11.13 13.63
N MET A 14 -18.31 -10.85 14.92
CA MET A 14 -18.94 -11.82 15.83
C MET A 14 -19.53 -11.05 17.00
N GLU A 15 -20.69 -11.51 17.48
CA GLU A 15 -21.39 -10.89 18.60
C GLU A 15 -22.35 -11.88 19.21
N GLU A 16 -22.78 -11.61 20.44
CA GLU A 16 -23.70 -12.50 21.12
C GLU A 16 -25.06 -11.87 21.33
N TYR A 17 -26.08 -12.71 21.35
CA TYR A 17 -27.43 -12.24 21.60
C TYR A 17 -28.11 -13.31 22.44
N LYS A 18 -28.76 -12.89 23.52
CA LYS A 18 -29.44 -13.83 24.40
C LYS A 18 -30.88 -14.11 24.03
N THR A 19 -31.30 -15.29 24.42
CA THR A 19 -32.62 -15.79 24.18
C THR A 19 -33.63 -15.10 25.10
N THR A 20 -33.18 -14.75 26.30
CA THR A 20 -33.99 -14.11 27.32
C THR A 20 -33.07 -13.27 28.23
N ASP A 21 -33.44 -12.02 28.45
CA ASP A 21 -32.65 -11.10 29.28
C ASP A 21 -33.55 -9.89 29.58
N ASN A 22 -33.24 -9.18 30.65
CA ASN A 22 -34.01 -8.00 31.04
C ASN A 22 -33.69 -6.81 30.17
N ASP A 23 -32.49 -6.81 29.63
CA ASP A 23 -32.02 -5.74 28.77
C ASP A 23 -32.39 -6.04 27.33
N VAL A 24 -33.26 -5.21 26.77
CA VAL A 24 -33.75 -5.33 25.40
C VAL A 24 -32.64 -5.50 24.37
N ASN A 25 -31.56 -4.74 24.54
CA ASN A 25 -30.47 -4.79 23.59
C ASN A 25 -29.58 -5.99 23.63
N LYS A 26 -29.69 -6.77 24.70
CA LYS A 26 -28.87 -7.96 24.85
C LYS A 26 -29.50 -9.13 24.06
N LYS A 27 -30.72 -8.93 23.57
CA LYS A 27 -31.45 -9.96 22.84
C LYS A 27 -31.42 -9.97 21.31
N PHE A 28 -30.62 -9.10 20.68
CA PHE A 28 -30.52 -9.07 19.23
C PHE A 28 -29.24 -8.35 18.81
N VAL A 29 -28.74 -8.60 17.61
CA VAL A 29 -27.54 -7.88 17.20
C VAL A 29 -27.84 -6.89 16.07
N ALA A 30 -27.16 -5.76 16.12
CA ALA A 30 -27.30 -4.70 15.11
C ALA A 30 -25.88 -4.36 14.70
N TRP A 31 -25.49 -4.76 13.50
CA TRP A 31 -24.14 -4.51 13.03
C TRP A 31 -24.04 -3.68 11.76
N PRO A 32 -23.30 -2.56 11.81
CA PRO A 32 -23.10 -1.67 10.65
C PRO A 32 -22.03 -2.36 9.81
N ILE A 33 -22.45 -2.97 8.70
CA ILE A 33 -21.53 -3.71 7.83
C ILE A 33 -20.27 -2.92 7.46
N ASN A 34 -19.12 -3.57 7.65
CA ASN A 34 -17.81 -3.00 7.30
C ASN A 34 -16.77 -4.14 7.33
N THR A 35 -15.55 -3.87 6.86
CA THR A 35 -14.50 -4.88 6.83
C THR A 35 -13.26 -4.42 7.60
N LYS A 36 -13.44 -3.52 8.55
CA LYS A 36 -12.32 -2.97 9.28
C LYS A 36 -12.12 -3.39 10.72
N GLN A 37 -13.00 -4.24 11.25
CA GLN A 37 -12.90 -4.67 12.65
C GLN A 37 -12.10 -5.92 12.95
N MET A 38 -11.94 -6.77 11.95
CA MET A 38 -11.16 -8.00 12.09
C MET A 38 -9.91 -7.81 11.25
N VAL A 39 -8.82 -7.73 11.99
CA VAL A 39 -7.48 -7.48 11.54
C VAL A 39 -6.93 -8.26 10.33
N GLN A 40 -7.13 -9.57 10.26
CA GLN A 40 -6.60 -10.35 9.12
C GLN A 40 -7.18 -9.98 7.76
N MET A 41 -8.49 -10.03 7.63
CA MET A 41 -9.18 -9.65 6.38
C MET A 41 -8.82 -8.22 6.00
N ARG A 42 -8.84 -7.33 7.00
CA ARG A 42 -8.53 -5.93 6.78
C ARG A 42 -7.18 -5.74 6.12
N ARG A 43 -6.14 -6.38 6.66
CA ARG A 43 -4.81 -6.25 6.10
C ARG A 43 -4.72 -6.71 4.65
N LYS A 44 -5.44 -7.77 4.32
CA LYS A 44 -5.43 -8.31 2.96
C LYS A 44 -6.09 -7.36 1.98
N LEU A 45 -7.30 -6.93 2.28
CA LEU A 45 -8.01 -6.01 1.39
C LEU A 45 -7.21 -4.73 1.22
N GLU A 46 -6.64 -4.25 2.33
CA GLU A 46 -5.90 -3.02 2.31
C GLU A 46 -4.59 -3.04 1.56
N MET A 47 -4.27 -4.16 0.93
CA MET A 47 -3.07 -4.22 0.12
C MET A 47 -3.36 -3.62 -1.27
N PHE A 48 -4.62 -3.27 -1.51
CA PHE A 48 -5.05 -2.68 -2.76
C PHE A 48 -5.85 -1.45 -2.39
N THR A 49 -5.83 -0.43 -3.26
CA THR A 49 -6.57 0.80 -2.98
C THR A 49 -8.04 0.67 -3.36
N TYR A 50 -8.29 0.08 -4.52
CA TYR A 50 -9.65 -0.13 -5.03
C TYR A 50 -9.86 -1.60 -5.30
N LEU A 51 -11.08 -2.05 -5.06
CA LEU A 51 -11.45 -3.44 -5.25
C LEU A 51 -12.86 -3.50 -5.83
N ARG A 52 -13.11 -4.51 -6.65
CA ARG A 52 -14.44 -4.70 -7.23
C ARG A 52 -14.67 -6.21 -7.23
N PHE A 53 -15.72 -6.65 -6.55
CA PHE A 53 -16.04 -8.06 -6.47
C PHE A 53 -17.45 -8.35 -5.99
N ASP A 54 -17.85 -9.60 -6.16
CA ASP A 54 -19.14 -10.09 -5.70
C ASP A 54 -18.78 -10.66 -4.34
N MET A 55 -19.75 -10.88 -3.49
CA MET A 55 -19.44 -11.33 -2.15
C MET A 55 -20.26 -12.53 -1.70
N GLU A 56 -19.57 -13.56 -1.20
CA GLU A 56 -20.26 -14.74 -0.68
C GLU A 56 -20.24 -14.57 0.83
N VAL A 57 -21.40 -14.62 1.47
CA VAL A 57 -21.50 -14.46 2.92
C VAL A 57 -21.97 -15.76 3.58
N THR A 58 -21.21 -16.27 4.55
CA THR A 58 -21.58 -17.49 5.28
C THR A 58 -21.68 -17.14 6.78
N PHE A 59 -22.70 -17.67 7.44
CA PHE A 59 -22.91 -17.41 8.86
C PHE A 59 -22.76 -18.67 9.65
N VAL A 60 -22.03 -18.56 10.76
CA VAL A 60 -21.85 -19.67 11.68
C VAL A 60 -22.49 -19.21 12.99
N ILE A 61 -23.57 -19.87 13.37
CA ILE A 61 -24.30 -19.54 14.59
C ILE A 61 -24.28 -20.73 15.54
N THR A 62 -23.85 -20.50 16.78
CA THR A 62 -23.80 -21.57 17.78
C THR A 62 -24.48 -21.07 19.07
N SER A 63 -25.08 -21.98 19.83
CA SER A 63 -25.77 -21.62 21.06
C SER A 63 -25.31 -22.45 22.25
N ARG A 64 -25.29 -21.83 23.42
CA ARG A 64 -24.89 -22.50 24.65
C ARG A 64 -25.81 -22.07 25.78
N GLN A 65 -26.10 -23.00 26.69
CA GLN A 65 -26.95 -22.68 27.82
C GLN A 65 -26.12 -21.97 28.88
N ASP A 66 -26.62 -20.83 29.33
CA ASP A 66 -25.93 -20.06 30.34
C ASP A 66 -25.88 -20.83 31.64
N PRO A 67 -24.75 -20.73 32.36
CA PRO A 67 -24.59 -21.43 33.64
C PRO A 67 -25.53 -20.81 34.68
N GLY A 68 -25.91 -21.61 35.68
CA GLY A 68 -26.82 -21.12 36.69
C GLY A 68 -27.09 -22.20 37.70
N THR A 69 -27.91 -21.89 38.71
CA THR A 69 -28.25 -22.85 39.76
C THR A 69 -29.20 -23.94 39.27
N THR A 70 -30.24 -23.57 38.54
CA THR A 70 -31.19 -24.53 38.01
C THR A 70 -31.14 -24.49 36.49
N LEU A 71 -30.67 -25.58 35.89
CA LEU A 71 -30.51 -25.70 34.45
C LEU A 71 -31.44 -26.67 33.73
N ALA A 72 -32.20 -27.46 34.47
CA ALA A 72 -33.12 -28.40 33.83
C ALA A 72 -34.24 -27.74 33.02
N GLN A 73 -34.24 -28.02 31.73
CA GLN A 73 -35.28 -27.54 30.82
C GLN A 73 -35.20 -28.41 29.60
N ASP A 74 -36.18 -28.26 28.72
CA ASP A 74 -36.23 -29.08 27.53
C ASP A 74 -36.69 -28.15 26.43
N MET A 75 -35.74 -27.41 25.87
CA MET A 75 -36.04 -26.44 24.84
C MET A 75 -35.96 -27.04 23.42
N PRO A 76 -37.00 -26.80 22.58
CA PRO A 76 -37.01 -27.33 21.19
C PRO A 76 -35.88 -26.61 20.39
N VAL A 77 -35.64 -27.07 19.16
CA VAL A 77 -34.58 -26.47 18.34
C VAL A 77 -34.83 -24.98 18.07
N LEU A 78 -33.75 -24.19 18.03
CA LEU A 78 -33.84 -22.76 17.80
C LEU A 78 -33.72 -22.36 16.32
N THR A 79 -34.46 -21.31 15.97
CA THR A 79 -34.47 -20.75 14.62
C THR A 79 -34.10 -19.28 14.71
N HIS A 80 -33.19 -18.84 13.85
CA HIS A 80 -32.72 -17.47 13.84
C HIS A 80 -33.13 -16.74 12.58
N GLN A 81 -33.25 -15.42 12.67
CA GLN A 81 -33.57 -14.61 11.52
C GLN A 81 -32.46 -13.59 11.36
N ILE A 82 -31.92 -13.51 10.15
CA ILE A 82 -30.86 -12.55 9.84
C ILE A 82 -31.46 -11.66 8.77
N MET A 83 -31.57 -10.36 9.06
CA MET A 83 -32.16 -9.41 8.12
C MET A 83 -31.19 -8.32 7.74
N TYR A 84 -31.16 -7.99 6.45
CA TYR A 84 -30.29 -6.96 5.95
C TYR A 84 -31.12 -5.70 5.74
N VAL A 85 -30.73 -4.62 6.39
CA VAL A 85 -31.45 -3.36 6.26
C VAL A 85 -30.62 -2.35 5.47
N PRO A 86 -30.95 -2.12 4.18
CA PRO A 86 -30.21 -1.15 3.36
C PRO A 86 -30.34 0.23 4.02
N PRO A 87 -29.34 1.10 3.80
CA PRO A 87 -29.38 2.44 4.42
C PRO A 87 -30.71 3.21 4.30
N GLY A 88 -31.28 3.56 5.44
CA GLY A 88 -32.52 4.30 5.44
C GLY A 88 -33.76 3.52 5.80
N GLY A 89 -33.67 2.18 5.75
CA GLY A 89 -34.82 1.36 6.09
C GLY A 89 -35.10 1.41 7.58
N PRO A 90 -36.31 1.03 8.01
CA PRO A 90 -36.72 1.02 9.42
C PRO A 90 -35.81 0.08 10.24
N ILE A 91 -35.30 0.54 11.37
CA ILE A 91 -34.46 -0.34 12.15
C ILE A 91 -35.21 -0.87 13.37
N PRO A 92 -35.08 -2.18 13.64
CA PRO A 92 -35.75 -2.80 14.79
C PRO A 92 -35.23 -2.24 16.10
N ALA A 93 -36.14 -1.95 17.04
CA ALA A 93 -35.78 -1.43 18.34
C ALA A 93 -35.83 -2.53 19.39
N LYS A 94 -36.44 -3.68 19.06
CA LYS A 94 -36.56 -4.81 19.99
C LYS A 94 -36.85 -6.09 19.21
N VAL A 95 -36.64 -7.27 19.82
CA VAL A 95 -36.87 -8.53 19.09
C VAL A 95 -38.24 -8.73 18.50
N ASP A 96 -39.25 -8.18 19.15
CA ASP A 96 -40.61 -8.33 18.69
C ASP A 96 -41.18 -7.14 17.91
N ASP A 97 -40.39 -6.32 17.23
CA ASP A 97 -41.03 -5.23 16.53
C ASP A 97 -41.37 -5.45 15.05
N TYR A 98 -42.33 -4.67 14.55
CA TYR A 98 -42.84 -4.77 13.20
C TYR A 98 -41.83 -4.88 12.08
N ALA A 99 -40.69 -4.22 12.23
CA ALA A 99 -39.66 -4.20 11.19
C ALA A 99 -39.21 -5.58 10.72
N TRP A 100 -39.33 -6.58 11.61
CA TRP A 100 -38.92 -7.95 11.31
C TRP A 100 -39.82 -8.66 10.30
N GLN A 101 -40.86 -7.97 9.81
CA GLN A 101 -41.76 -8.51 8.79
C GLN A 101 -41.03 -8.71 7.46
N THR A 102 -39.96 -7.96 7.22
CA THR A 102 -39.16 -8.03 5.97
C THR A 102 -39.93 -8.14 4.67
N SER A 103 -41.00 -7.38 4.50
CA SER A 103 -41.75 -7.47 3.25
C SER A 103 -40.86 -7.16 2.04
N THR A 104 -39.81 -6.37 2.26
CA THR A 104 -38.91 -6.00 1.18
C THR A 104 -37.42 -6.24 1.48
N ASN A 105 -36.97 -6.06 2.70
CA ASN A 105 -35.55 -6.32 2.99
C ASN A 105 -35.33 -7.80 2.91
N PRO A 106 -34.13 -8.24 2.51
CA PRO A 106 -33.83 -9.67 2.43
C PRO A 106 -33.49 -10.22 3.84
N SER A 107 -34.04 -11.40 4.16
CA SER A 107 -33.84 -12.08 5.43
C SER A 107 -33.58 -13.55 5.20
N ILE A 108 -32.93 -14.19 6.17
CA ILE A 108 -32.68 -15.62 6.12
C ILE A 108 -33.21 -16.19 7.42
N PHE A 109 -33.99 -17.25 7.30
CA PHE A 109 -34.49 -17.95 8.48
C PHE A 109 -33.71 -19.25 8.45
N TRP A 110 -33.01 -19.53 9.54
CA TRP A 110 -32.16 -20.71 9.64
C TRP A 110 -32.36 -21.45 10.96
N THR A 111 -32.37 -22.78 10.90
CA THR A 111 -32.58 -23.62 12.08
C THR A 111 -31.32 -24.40 12.45
N GLU A 112 -31.00 -24.40 13.75
CA GLU A 112 -29.82 -25.08 14.24
C GLU A 112 -29.76 -26.57 13.91
N GLY A 113 -28.54 -27.06 13.73
CA GLY A 113 -28.33 -28.47 13.41
C GLY A 113 -28.07 -28.69 11.94
N ASN A 114 -28.31 -27.64 11.15
CA ASN A 114 -28.17 -27.67 9.70
C ASN A 114 -26.88 -27.02 9.18
N ALA A 115 -26.64 -27.17 7.87
CA ALA A 115 -25.48 -26.59 7.21
C ALA A 115 -25.55 -25.06 7.42
N PRO A 116 -24.39 -24.41 7.65
CA PRO A 116 -24.40 -22.95 7.86
C PRO A 116 -25.07 -22.20 6.70
N ALA A 117 -25.83 -21.16 7.05
CA ALA A 117 -26.53 -20.32 6.07
C ALA A 117 -25.52 -19.58 5.17
N ARG A 118 -25.92 -19.36 3.91
CA ARG A 118 -25.03 -18.68 2.96
C ARG A 118 -25.78 -18.07 1.78
N MET A 119 -25.22 -17.00 1.23
CA MET A 119 -25.82 -16.37 0.06
C MET A 119 -24.83 -15.45 -0.61
N SER A 120 -25.10 -15.06 -1.85
CA SER A 120 -24.22 -14.17 -2.60
C SER A 120 -24.86 -12.79 -2.75
N ILE A 121 -24.02 -11.77 -2.73
CA ILE A 121 -24.42 -10.37 -2.90
C ILE A 121 -23.58 -9.88 -4.06
N PRO A 122 -24.18 -9.13 -5.00
CA PRO A 122 -23.35 -8.65 -6.12
C PRO A 122 -22.54 -7.42 -5.71
N PHE A 123 -21.77 -6.85 -6.64
CA PHE A 123 -21.00 -5.64 -6.37
C PHE A 123 -22.02 -4.51 -6.18
N ILE A 124 -22.21 -4.07 -4.94
CA ILE A 124 -23.22 -3.06 -4.64
C ILE A 124 -22.83 -1.60 -4.43
N SER A 125 -21.58 -1.24 -4.68
CA SER A 125 -21.15 0.13 -4.49
C SER A 125 -21.88 1.13 -5.41
N ILE A 126 -21.94 2.40 -4.99
CA ILE A 126 -22.55 3.42 -5.84
C ILE A 126 -21.42 3.97 -6.74
N GLY A 127 -20.19 3.57 -6.42
CA GLY A 127 -19.05 3.98 -7.22
C GLY A 127 -18.68 2.84 -8.14
N ASN A 128 -17.61 3.00 -8.91
CA ASN A 128 -17.20 1.97 -9.84
C ASN A 128 -16.34 0.89 -9.21
N ALA A 129 -15.88 1.15 -7.99
CA ALA A 129 -15.08 0.20 -7.23
C ALA A 129 -15.19 0.60 -5.75
N TYR A 130 -14.99 -0.37 -4.86
CA TYR A 130 -15.02 -0.11 -3.43
C TYR A 130 -13.69 0.59 -3.11
N SER A 131 -13.68 1.56 -2.21
CA SER A 131 -12.43 2.24 -1.84
C SER A 131 -11.97 1.78 -0.47
N ASN A 132 -10.73 1.30 -0.36
CA ASN A 132 -10.25 0.89 0.96
C ASN A 132 -9.75 2.10 1.76
N PHE A 133 -9.41 3.16 1.03
CA PHE A 133 -8.91 4.40 1.61
C PHE A 133 -9.56 5.55 0.89
N TYR A 134 -9.65 6.68 1.57
CA TYR A 134 -10.24 7.89 1.02
C TYR A 134 -9.56 9.07 1.71
N ASP A 135 -8.64 9.71 1.00
CA ASP A 135 -7.92 10.85 1.57
C ASP A 135 -8.77 12.08 1.28
N GLY A 136 -9.80 12.30 2.10
CA GLY A 136 -10.66 13.42 1.88
C GLY A 136 -11.70 13.60 2.96
N TRP A 137 -12.56 14.58 2.74
CA TRP A 137 -13.60 14.96 3.67
C TRP A 137 -15.00 14.70 3.16
N SER A 138 -15.98 14.85 4.04
CA SER A 138 -17.36 14.66 3.65
C SER A 138 -17.93 15.98 3.15
N ASN A 139 -17.47 17.06 3.74
CA ASN A 139 -17.94 18.41 3.40
C ASN A 139 -17.03 19.07 2.39
N PHE A 140 -17.60 19.87 1.50
CA PHE A 140 -16.88 20.57 0.43
C PHE A 140 -15.90 21.59 0.98
N ASP A 141 -16.21 21.98 2.20
CA ASP A 141 -15.51 22.89 3.07
C ASP A 141 -14.12 22.38 3.50
N GLN A 142 -13.93 21.07 3.35
CA GLN A 142 -12.75 20.33 3.81
C GLN A 142 -12.88 20.20 5.33
N ARG A 143 -14.07 19.78 5.77
CA ARG A 143 -14.41 19.59 7.19
C ARG A 143 -15.32 18.38 7.25
N GLY A 144 -15.79 18.03 8.46
CA GLY A 144 -16.67 16.88 8.61
C GLY A 144 -15.88 15.61 8.93
N SER A 145 -16.28 14.48 8.36
CA SER A 145 -15.55 13.23 8.58
C SER A 145 -14.37 13.24 7.66
N TYR A 146 -13.30 12.58 8.10
CA TYR A 146 -12.09 12.43 7.30
C TYR A 146 -11.85 10.94 7.13
N GLY A 147 -11.46 10.52 5.94
CA GLY A 147 -11.14 9.11 5.75
C GLY A 147 -12.18 8.19 5.19
N TYR A 148 -11.78 6.95 4.96
CA TYR A 148 -12.66 5.95 4.36
C TYR A 148 -14.01 5.78 4.98
N ASN A 149 -14.10 6.07 6.26
CA ASN A 149 -15.38 5.90 6.91
C ASN A 149 -16.46 6.76 6.27
N THR A 150 -16.08 7.86 5.63
CA THR A 150 -17.10 8.70 5.02
C THR A 150 -17.79 8.00 3.83
N LEU A 151 -17.15 7.01 3.23
CA LEU A 151 -17.74 6.27 2.10
C LEU A 151 -18.42 4.97 2.54
N ASN A 152 -18.44 4.67 3.82
CA ASN A 152 -19.07 3.43 4.23
C ASN A 152 -20.55 3.58 4.53
N ASN A 153 -21.41 3.15 3.61
CA ASN A 153 -22.83 3.21 3.90
C ASN A 153 -23.46 2.04 3.19
N LEU A 154 -23.10 0.87 3.68
CA LEU A 154 -23.56 -0.40 3.16
C LEU A 154 -24.78 -0.90 3.94
N GLY A 155 -25.15 -0.22 5.02
CA GLY A 155 -26.30 -0.67 5.78
C GLY A 155 -25.94 -1.53 6.98
N HIS A 156 -26.96 -2.19 7.52
CA HIS A 156 -26.79 -3.02 8.70
C HIS A 156 -27.29 -4.43 8.54
N ILE A 157 -26.87 -5.26 9.47
CA ILE A 157 -27.31 -6.64 9.57
C ILE A 157 -27.94 -6.71 10.96
N TYR A 158 -29.16 -7.25 11.03
CA TYR A 158 -29.87 -7.40 12.28
C TYR A 158 -30.22 -8.87 12.44
N VAL A 159 -29.98 -9.42 13.62
CA VAL A 159 -30.28 -10.83 13.86
C VAL A 159 -30.95 -11.05 15.22
N ARG A 160 -31.93 -11.94 15.26
CA ARG A 160 -32.65 -12.26 16.49
C ARG A 160 -33.05 -13.73 16.47
N HIS A 161 -33.54 -14.21 17.62
CA HIS A 161 -34.05 -15.58 17.69
C HIS A 161 -35.47 -15.38 17.22
N VAL A 162 -36.06 -16.38 16.57
CA VAL A 162 -37.43 -16.18 16.11
C VAL A 162 -38.36 -16.23 17.31
N SER A 163 -38.94 -17.33 17.72
CA SER A 163 -39.74 -17.12 18.94
C SER A 163 -39.10 -17.99 19.99
N GLY A 164 -37.85 -17.65 20.30
CA GLY A 164 -37.05 -18.47 21.18
C GLY A 164 -36.93 -18.18 22.64
N SER A 165 -37.88 -17.50 23.24
CA SER A 165 -37.76 -17.24 24.66
C SER A 165 -37.73 -18.53 25.47
N SER A 166 -36.62 -18.76 26.17
CA SER A 166 -36.49 -19.96 26.97
C SER A 166 -36.58 -19.64 28.46
N PRO A 167 -37.01 -20.62 29.29
CA PRO A 167 -37.13 -20.43 30.75
C PRO A 167 -35.79 -19.94 31.34
N HIS A 168 -34.70 -20.60 30.99
CA HIS A 168 -33.38 -20.20 31.46
C HIS A 168 -32.67 -19.69 30.22
N PRO A 169 -31.92 -18.59 30.34
CA PRO A 169 -31.23 -18.04 29.18
C PRO A 169 -30.23 -18.90 28.45
N ILE A 170 -30.23 -18.73 27.13
CA ILE A 170 -29.33 -19.40 26.20
C ILE A 170 -28.66 -18.28 25.45
N THR A 171 -27.35 -18.39 25.25
CA THR A 171 -26.60 -17.36 24.52
C THR A 171 -26.14 -17.88 23.16
N SER A 172 -26.53 -17.19 22.10
CA SER A 172 -26.12 -17.55 20.75
C SER A 172 -25.04 -16.58 20.33
N THR A 173 -24.08 -17.09 19.55
CA THR A 173 -22.99 -16.27 19.04
C THR A 173 -23.03 -16.40 17.52
N ILE A 174 -23.08 -15.27 16.81
CA ILE A 174 -23.07 -15.31 15.36
C ILE A 174 -21.72 -14.85 14.86
N ARG A 175 -21.19 -15.57 13.87
CA ARG A 175 -19.92 -15.23 13.26
C ARG A 175 -20.21 -15.06 11.77
N VAL A 176 -19.81 -13.92 11.20
CA VAL A 176 -20.05 -13.68 9.79
C VAL A 176 -18.76 -13.72 8.98
N TYR A 177 -18.79 -14.52 7.92
CA TYR A 177 -17.66 -14.73 7.01
C TYR A 177 -17.88 -14.11 5.64
N PHE A 178 -16.86 -13.45 5.12
CA PHE A 178 -16.89 -12.82 3.80
C PHE A 178 -15.88 -13.54 2.89
N LYS A 179 -16.26 -13.82 1.66
CA LYS A 179 -15.38 -14.44 0.68
C LYS A 179 -15.61 -13.72 -0.63
N PRO A 180 -14.72 -12.81 -0.99
CA PRO A 180 -14.89 -12.08 -2.26
C PRO A 180 -14.70 -13.05 -3.42
N LYS A 181 -15.46 -12.86 -4.50
CA LYS A 181 -15.33 -13.69 -5.69
C LYS A 181 -15.58 -12.85 -6.94
N HIS A 182 -14.92 -13.18 -8.04
CA HIS A 182 -15.03 -12.44 -9.31
C HIS A 182 -14.39 -11.09 -9.03
N THR A 183 -13.19 -11.16 -8.50
CA THR A 183 -12.43 -10.00 -8.07
C THR A 183 -11.51 -9.29 -9.06
N ARG A 184 -11.41 -7.97 -8.85
CA ARG A 184 -10.54 -7.10 -9.62
C ARG A 184 -9.96 -6.15 -8.58
N ALA A 185 -8.67 -5.86 -8.70
CA ALA A 185 -7.99 -4.98 -7.76
C ALA A 185 -7.10 -3.96 -8.47
N TRP A 186 -7.06 -2.74 -7.94
CA TRP A 186 -6.22 -1.70 -8.54
C TRP A 186 -5.35 -0.97 -7.55
N VAL A 187 -4.23 -0.45 -8.08
CA VAL A 187 -3.23 0.31 -7.34
C VAL A 187 -2.91 -0.26 -5.95
N PRO A 188 -1.99 -1.22 -5.95
CA PRO A 188 -1.48 -1.95 -4.78
C PRO A 188 -0.68 -1.04 -3.84
N ARG A 189 -0.75 -1.29 -2.54
CA ARG A 189 -0.04 -0.48 -1.56
C ARG A 189 0.84 -1.30 -0.62
N PRO A 190 1.78 -0.65 0.10
CA PRO A 190 2.62 -1.42 1.03
C PRO A 190 1.70 -2.03 2.10
N PRO A 191 2.00 -3.24 2.56
CA PRO A 191 1.16 -3.86 3.60
C PRO A 191 1.24 -3.06 4.90
N ARG A 192 0.17 -3.10 5.70
CA ARG A 192 0.13 -2.40 6.99
C ARG A 192 1.23 -2.89 7.91
N LEU A 193 2.13 -2.02 8.36
CA LEU A 193 3.24 -2.40 9.26
C LEU A 193 2.87 -2.27 10.74
N CYS A 194 2.28 -1.14 11.09
CA CYS A 194 1.87 -0.87 12.47
C CYS A 194 0.61 -1.62 12.79
N GLN A 195 0.45 -2.03 14.06
CA GLN A 195 -0.77 -2.72 14.44
C GLN A 195 -1.95 -1.74 14.32
N TYR A 196 -3.15 -2.26 14.11
CA TYR A 196 -4.34 -1.43 13.98
C TYR A 196 -4.81 -0.99 15.37
N LYS A 197 -5.29 0.24 15.49
CA LYS A 197 -5.76 0.79 16.76
C LYS A 197 -7.25 1.09 16.74
N LYS A 198 -7.76 1.54 15.60
CA LYS A 198 -9.16 1.90 15.46
C LYS A 198 -9.84 1.20 14.29
N ALA A 199 -11.13 0.97 14.42
CA ALA A 199 -11.88 0.33 13.36
C ALA A 199 -12.11 1.28 12.19
N PHE A 200 -12.40 2.54 12.49
CA PHE A 200 -12.68 3.52 11.43
C PHE A 200 -11.65 4.60 11.11
N SER A 201 -10.38 4.31 11.34
CA SER A 201 -9.32 5.25 10.99
C SER A 201 -7.99 4.53 10.87
N VAL A 202 -7.16 5.13 10.05
CA VAL A 202 -5.84 4.65 9.73
C VAL A 202 -4.88 4.73 10.93
N ASP A 203 -5.29 5.48 11.96
CA ASP A 203 -4.50 5.72 13.17
C ASP A 203 -3.59 4.62 13.64
N PHE A 204 -2.38 5.01 14.00
CA PHE A 204 -1.36 4.07 14.44
C PHE A 204 -0.33 4.71 15.38
N THR A 205 0.55 3.87 15.89
CA THR A 205 1.62 4.25 16.79
C THR A 205 2.90 3.92 16.01
N PRO A 206 3.84 4.87 15.88
CA PRO A 206 5.07 4.57 15.13
C PRO A 206 5.72 3.24 15.54
N THR A 207 6.05 2.43 14.54
CA THR A 207 6.68 1.14 14.74
C THR A 207 7.95 1.12 13.90
N PRO A 208 9.05 0.57 14.44
CA PRO A 208 10.32 0.50 13.70
C PRO A 208 10.23 -0.33 12.40
N ILE A 209 11.06 0.05 11.42
CA ILE A 209 11.15 -0.60 10.09
C ILE A 209 11.16 -2.12 10.18
N THR A 210 12.02 -2.66 11.03
CA THR A 210 12.14 -4.10 11.23
C THR A 210 12.91 -4.33 12.54
N ASP A 211 13.24 -5.59 12.86
CA ASP A 211 13.99 -5.90 14.07
C ASP A 211 15.47 -5.80 13.81
N THR A 212 16.27 -5.69 14.86
CA THR A 212 17.71 -5.51 14.70
C THR A 212 18.57 -6.73 14.98
N ARG A 213 19.86 -6.66 14.64
CA ARG A 213 20.86 -7.72 14.87
C ARG A 213 22.10 -6.98 15.42
N LYS A 214 23.11 -7.66 16.00
CA LYS A 214 24.23 -6.89 16.57
C LYS A 214 25.02 -6.01 15.62
N ASP A 215 25.49 -6.56 14.51
CA ASP A 215 26.21 -5.71 13.56
C ASP A 215 25.81 -6.08 12.13
N ILE A 216 26.25 -5.24 11.18
CA ILE A 216 25.96 -5.39 9.76
C ILE A 216 26.56 -6.65 9.10
N ASN A 217 27.35 -7.41 9.85
CA ASN A 217 27.96 -8.63 9.32
C ASN A 217 27.47 -9.89 10.02
N THR A 218 26.67 -9.74 11.08
CA THR A 218 26.15 -10.86 11.82
C THR A 218 25.26 -11.73 10.95
N VAL A 219 25.62 -12.99 10.85
CA VAL A 219 24.91 -13.91 9.99
C VAL A 219 24.59 -15.26 10.66
N THR A 220 25.10 -15.46 11.87
CA THR A 220 24.89 -16.67 12.66
C THR A 220 23.63 -16.47 13.49
N THR A 221 23.17 -17.52 14.17
CA THR A 221 21.98 -17.43 15.02
C THR A 221 22.36 -17.24 16.51
N VAL A 222 23.34 -17.99 16.99
CA VAL A 222 23.84 -17.90 18.38
C VAL A 222 25.13 -17.05 18.37
N GLY B 1 -38.78 -39.67 -2.02
CA GLY B 1 -37.49 -39.00 -2.26
C GLY B 1 -36.44 -39.92 -2.88
N LEU B 2 -35.45 -39.31 -3.52
CA LEU B 2 -34.37 -40.07 -4.12
C LEU B 2 -33.51 -40.60 -2.97
N PRO B 3 -33.24 -41.91 -2.93
CA PRO B 3 -32.42 -42.44 -1.84
C PRO B 3 -30.98 -41.89 -1.81
N THR B 4 -30.56 -41.32 -0.70
CA THR B 4 -29.20 -40.77 -0.59
C THR B 4 -28.57 -41.25 0.72
N MET B 5 -27.27 -41.04 0.82
CA MET B 5 -26.52 -41.46 2.00
C MET B 5 -25.39 -40.47 2.28
N ASN B 6 -25.46 -39.79 3.42
CA ASN B 6 -24.44 -38.80 3.79
C ASN B 6 -23.10 -39.46 4.08
N THR B 7 -22.03 -38.87 3.55
CA THR B 7 -20.67 -39.37 3.75
C THR B 7 -19.93 -38.49 4.77
N PRO B 8 -18.76 -38.95 5.26
CA PRO B 8 -18.03 -38.11 6.22
C PRO B 8 -17.72 -36.74 5.62
N GLY B 9 -17.70 -35.70 6.45
CA GLY B 9 -17.46 -34.35 5.95
C GLY B 9 -18.77 -33.57 5.86
N SER B 10 -19.87 -34.31 5.86
CA SER B 10 -21.19 -33.72 5.80
C SER B 10 -21.38 -32.76 6.99
N THR B 11 -21.90 -31.57 6.70
CA THR B 11 -22.18 -30.47 7.67
C THR B 11 -20.98 -29.69 8.19
N GLN B 12 -19.76 -30.08 7.83
CA GLN B 12 -18.59 -29.38 8.33
C GLN B 12 -18.37 -28.05 7.61
N PHE B 13 -17.61 -27.17 8.25
CA PHE B 13 -17.28 -25.87 7.68
C PHE B 13 -15.75 -25.85 7.51
N LEU B 14 -15.30 -26.11 6.28
CA LEU B 14 -13.88 -26.09 5.93
C LEU B 14 -13.64 -24.69 5.36
N THR B 15 -12.75 -23.95 6.01
CA THR B 15 -12.42 -22.58 5.63
C THR B 15 -12.05 -22.33 4.17
N SER B 16 -11.41 -23.32 3.57
CA SER B 16 -10.98 -23.22 2.19
C SER B 16 -11.89 -23.98 1.24
N ASP B 17 -13.15 -24.19 1.66
CA ASP B 17 -14.10 -24.89 0.81
C ASP B 17 -14.50 -24.01 -0.38
N ASP B 18 -15.17 -24.60 -1.37
CA ASP B 18 -15.53 -23.84 -2.54
C ASP B 18 -16.88 -24.28 -3.08
N PHE B 19 -17.93 -23.95 -2.35
CA PHE B 19 -19.29 -24.31 -2.75
C PHE B 19 -20.12 -23.07 -3.10
N GLN B 20 -21.31 -23.33 -3.64
CA GLN B 20 -22.26 -22.29 -4.00
C GLN B 20 -23.14 -22.09 -2.74
N SER B 21 -23.82 -20.96 -2.64
CA SER B 21 -24.72 -20.71 -1.51
C SER B 21 -25.75 -19.66 -1.96
N PRO B 22 -26.96 -19.69 -1.36
CA PRO B 22 -28.00 -18.72 -1.74
C PRO B 22 -27.60 -17.27 -1.54
N CYS B 23 -28.07 -16.42 -2.45
CA CYS B 23 -27.78 -15.00 -2.37
C CYS B 23 -28.87 -14.30 -1.55
N ALA B 24 -28.47 -13.59 -0.49
CA ALA B 24 -29.43 -12.89 0.38
C ALA B 24 -30.11 -11.67 -0.23
N LEU B 25 -29.51 -11.13 -1.29
CA LEU B 25 -30.03 -9.96 -1.99
C LEU B 25 -30.36 -10.37 -3.42
N PRO B 26 -31.42 -11.16 -3.60
CA PRO B 26 -31.81 -11.63 -4.94
C PRO B 26 -31.99 -10.48 -5.93
N GLN B 27 -31.41 -10.62 -7.11
CA GLN B 27 -31.55 -9.64 -8.17
C GLN B 27 -30.95 -8.24 -7.92
N PHE B 28 -29.97 -8.15 -7.01
CA PHE B 28 -29.32 -6.90 -6.70
C PHE B 28 -28.55 -6.49 -7.95
N ASP B 29 -28.74 -5.25 -8.38
CA ASP B 29 -28.07 -4.73 -9.57
C ASP B 29 -26.74 -4.08 -9.19
N VAL B 30 -25.68 -4.84 -9.44
CA VAL B 30 -24.30 -4.47 -9.16
C VAL B 30 -23.89 -3.15 -9.87
N THR B 31 -23.08 -2.33 -9.22
CA THR B 31 -22.60 -1.09 -9.84
C THR B 31 -21.70 -1.50 -11.01
N PRO B 32 -21.85 -0.85 -12.18
CA PRO B 32 -21.03 -1.20 -13.34
C PRO B 32 -19.53 -1.18 -13.04
N SER B 33 -18.80 -2.06 -13.72
CA SER B 33 -17.37 -2.15 -13.56
C SER B 33 -16.71 -0.92 -14.22
N MET B 34 -15.53 -0.53 -13.76
CA MET B 34 -14.80 0.59 -14.31
C MET B 34 -13.35 0.16 -14.46
N ASN B 35 -12.68 0.59 -15.51
CA ASN B 35 -11.32 0.18 -15.73
C ASN B 35 -10.27 0.99 -14.98
N ILE B 36 -10.07 0.66 -13.71
CA ILE B 36 -9.08 1.34 -12.88
C ILE B 36 -7.66 0.85 -13.24
N PRO B 37 -6.67 1.76 -13.34
CA PRO B 37 -5.30 1.36 -13.66
C PRO B 37 -4.70 0.48 -12.55
N GLY B 38 -3.64 -0.26 -12.88
CA GLY B 38 -2.95 -1.07 -11.89
C GLY B 38 -3.60 -2.32 -11.33
N GLU B 39 -4.29 -3.10 -12.17
CA GLU B 39 -4.89 -4.31 -11.67
C GLU B 39 -3.84 -5.38 -11.38
N VAL B 40 -4.02 -6.10 -10.28
CA VAL B 40 -3.09 -7.16 -9.90
C VAL B 40 -3.83 -8.48 -10.07
N LYS B 41 -3.15 -9.49 -10.58
CA LYS B 41 -3.81 -10.77 -10.75
C LYS B 41 -3.14 -11.88 -9.98
N ASN B 42 -1.85 -11.72 -9.73
CA ASN B 42 -1.09 -12.71 -9.00
C ASN B 42 -0.13 -11.96 -8.07
N LEU B 43 0.01 -12.43 -6.82
CA LEU B 43 0.90 -11.81 -5.85
C LEU B 43 2.37 -11.83 -6.32
N MET B 44 2.69 -12.75 -7.22
CA MET B 44 4.03 -12.81 -7.74
C MET B 44 4.38 -11.57 -8.55
N GLU B 45 3.37 -10.87 -9.04
CA GLU B 45 3.61 -9.64 -9.80
C GLU B 45 4.23 -8.60 -8.86
N ILE B 46 3.84 -8.65 -7.61
CA ILE B 46 4.36 -7.74 -6.58
C ILE B 46 5.78 -8.16 -6.20
N ALA B 47 5.97 -9.45 -5.95
CA ALA B 47 7.28 -9.99 -5.57
C ALA B 47 8.32 -9.77 -6.66
N GLU B 48 7.86 -9.51 -7.88
CA GLU B 48 8.75 -9.28 -9.02
C GLU B 48 9.25 -7.85 -9.12
N VAL B 49 8.75 -7.00 -8.22
CA VAL B 49 9.09 -5.58 -8.15
C VAL B 49 10.22 -5.34 -7.11
N ASP B 50 11.18 -4.51 -7.48
CA ASP B 50 12.28 -4.20 -6.56
C ASP B 50 11.85 -3.40 -5.35
N SER B 51 12.45 -3.69 -4.20
CA SER B 51 12.23 -2.92 -2.98
C SER B 51 13.64 -2.78 -2.37
N VAL B 52 13.85 -1.71 -1.61
CA VAL B 52 15.16 -1.46 -1.02
C VAL B 52 15.44 -2.39 0.17
N VAL B 53 16.56 -3.11 0.10
CA VAL B 53 16.95 -4.07 1.15
C VAL B 53 17.77 -3.40 2.25
N PRO B 54 17.35 -3.54 3.53
CA PRO B 54 18.08 -2.94 4.65
C PRO B 54 19.31 -3.81 4.98
N VAL B 55 20.32 -3.78 4.11
CA VAL B 55 21.53 -4.57 4.26
C VAL B 55 22.38 -4.20 5.46
N ASN B 56 22.42 -2.91 5.78
CA ASN B 56 23.21 -2.38 6.89
C ASN B 56 22.36 -2.28 8.16
N ASN B 57 21.68 -3.37 8.48
CA ASN B 57 20.82 -3.45 9.64
C ASN B 57 21.64 -3.86 10.87
N VAL B 58 22.64 -3.04 11.18
CA VAL B 58 23.55 -3.32 12.29
C VAL B 58 23.09 -2.80 13.65
N GLN B 59 23.55 -3.49 14.68
CA GLN B 59 23.23 -3.22 16.08
C GLN B 59 23.19 -1.79 16.58
N ASP B 60 24.26 -1.07 16.34
CA ASP B 60 24.39 0.30 16.80
C ASP B 60 23.60 1.37 16.02
N THR B 61 22.70 0.97 15.13
CA THR B 61 21.92 1.92 14.34
C THR B 61 21.22 3.03 15.14
N THR B 62 21.64 4.26 14.88
CA THR B 62 21.08 5.46 15.52
C THR B 62 19.90 5.94 14.69
N ASP B 63 20.18 6.09 13.40
CA ASP B 63 19.24 6.59 12.41
C ASP B 63 18.77 5.43 11.52
N GLN B 64 17.46 5.17 11.53
CA GLN B 64 16.83 4.11 10.75
C GLN B 64 17.18 4.05 9.26
N MET B 65 17.29 5.20 8.62
CA MET B 65 17.61 5.25 7.19
C MET B 65 19.01 4.72 6.85
N GLU B 66 19.87 4.67 7.85
CA GLU B 66 21.22 4.16 7.65
C GLU B 66 21.23 2.70 7.24
N MET B 67 20.14 1.99 7.56
CA MET B 67 20.06 0.58 7.24
C MET B 67 20.10 0.29 5.76
N PHE B 68 19.73 1.28 4.96
CA PHE B 68 19.70 1.12 3.52
C PHE B 68 21.00 1.50 2.85
N ARG B 69 21.93 2.06 3.61
CA ARG B 69 23.20 2.50 3.05
C ARG B 69 24.39 1.61 3.36
N ILE B 70 24.92 0.97 2.31
CA ILE B 70 26.10 0.13 2.44
C ILE B 70 27.32 1.08 2.27
N PRO B 71 28.18 1.17 3.30
CA PRO B 71 29.37 2.03 3.28
C PRO B 71 30.49 1.53 2.40
N VAL B 72 31.10 2.47 1.70
CA VAL B 72 32.19 2.16 0.80
C VAL B 72 33.13 3.37 1.00
N THR B 73 34.43 3.12 1.09
CA THR B 73 35.36 4.22 1.37
C THR B 73 36.68 4.18 0.58
N ILE B 74 37.42 5.29 0.59
CA ILE B 74 38.71 5.34 -0.09
C ILE B 74 39.77 4.61 0.75
N ASN B 75 40.87 4.24 0.12
CA ASN B 75 41.99 3.56 0.77
C ASN B 75 41.59 2.38 1.63
N ALA B 76 40.67 1.57 1.13
CA ALA B 76 40.26 0.39 1.86
C ALA B 76 41.37 -0.66 1.67
N PRO B 77 41.62 -1.47 2.70
CA PRO B 77 42.67 -2.50 2.59
C PRO B 77 42.34 -3.38 1.38
N LEU B 78 43.36 -3.82 0.64
CA LEU B 78 43.10 -4.69 -0.53
C LEU B 78 42.25 -5.94 -0.18
N GLN B 79 41.33 -6.29 -1.09
CA GLN B 79 40.47 -7.47 -0.95
C GLN B 79 39.52 -7.43 0.24
N GLN B 80 39.25 -6.24 0.73
CA GLN B 80 38.35 -6.10 1.86
C GLN B 80 36.90 -6.43 1.58
N GLN B 81 36.23 -6.96 2.58
CA GLN B 81 34.83 -7.31 2.47
C GLN B 81 33.94 -6.10 2.70
N VAL B 82 32.95 -5.92 1.84
CA VAL B 82 32.00 -4.83 1.92
C VAL B 82 30.78 -5.26 2.76
N PHE B 83 30.32 -6.48 2.57
CA PHE B 83 29.16 -6.98 3.32
C PHE B 83 29.01 -8.48 3.10
N GLY B 84 28.13 -9.09 3.86
CA GLY B 84 27.90 -10.51 3.73
C GLY B 84 26.50 -10.73 4.24
N LEU B 85 25.73 -11.55 3.53
CA LEU B 85 24.37 -11.83 3.96
C LEU B 85 23.97 -13.25 3.65
N ARG B 86 23.10 -13.82 4.46
CA ARG B 86 22.68 -15.18 4.20
C ARG B 86 21.33 -15.26 3.52
N LEU B 87 21.29 -16.06 2.46
CA LEU B 87 20.12 -16.22 1.64
C LEU B 87 18.93 -16.99 2.25
N GLN B 88 18.08 -16.26 2.98
CA GLN B 88 16.86 -16.81 3.58
C GLN B 88 15.93 -15.64 3.35
N PRO B 89 15.44 -15.48 2.12
CA PRO B 89 14.54 -14.38 1.75
C PRO B 89 13.31 -14.19 2.59
N GLY B 90 12.85 -15.25 3.25
CA GLY B 90 11.66 -15.13 4.06
C GLY B 90 11.93 -15.08 5.55
N LEU B 91 13.14 -15.45 5.95
CA LEU B 91 13.50 -15.53 7.35
C LEU B 91 14.54 -14.54 7.86
N ASP B 92 15.60 -14.29 7.10
CA ASP B 92 16.63 -13.38 7.58
C ASP B 92 16.15 -11.93 7.65
N SER B 93 16.51 -11.24 8.73
CA SER B 93 16.10 -9.85 8.93
C SER B 93 16.43 -8.90 7.78
N VAL B 94 17.47 -9.22 7.01
CA VAL B 94 17.82 -8.36 5.88
C VAL B 94 16.70 -8.38 4.81
N PHE B 95 16.06 -9.53 4.60
CA PHE B 95 15.01 -9.67 3.58
C PHE B 95 13.54 -9.78 4.04
N LYS B 96 13.31 -10.37 5.21
CA LYS B 96 11.96 -10.59 5.69
C LYS B 96 10.92 -9.48 5.59
N HIS B 97 11.34 -8.22 5.62
CA HIS B 97 10.36 -7.14 5.55
C HIS B 97 10.32 -6.38 4.24
N THR B 98 11.02 -6.88 3.23
CA THR B 98 11.02 -6.28 1.91
C THR B 98 9.73 -6.76 1.23
N LEU B 99 9.43 -6.25 0.03
CA LEU B 99 8.22 -6.67 -0.68
C LEU B 99 8.26 -8.18 -0.86
N LEU B 100 9.38 -8.69 -1.37
CA LEU B 100 9.58 -10.11 -1.59
C LEU B 100 9.42 -10.94 -0.31
N GLY B 101 10.04 -10.49 0.78
CA GLY B 101 9.95 -11.21 2.04
C GLY B 101 8.53 -11.22 2.62
N GLU B 102 7.82 -10.10 2.48
CA GLU B 102 6.46 -10.00 2.98
C GLU B 102 5.56 -10.95 2.24
N ILE B 103 5.68 -11.02 0.91
CA ILE B 103 4.86 -11.94 0.14
C ILE B 103 5.20 -13.39 0.56
N LEU B 104 6.50 -13.71 0.66
CA LEU B 104 6.93 -15.04 1.06
C LEU B 104 6.32 -15.47 2.40
N ASN B 105 6.14 -14.50 3.30
CA ASN B 105 5.60 -14.84 4.60
C ASN B 105 4.13 -15.21 4.71
N TYR B 106 3.46 -15.31 3.58
CA TYR B 106 2.06 -15.75 3.53
C TYR B 106 2.05 -17.15 2.92
N TYR B 107 3.24 -17.74 2.75
CA TYR B 107 3.41 -19.06 2.17
C TYR B 107 4.43 -19.85 2.96
N ALA B 108 4.51 -21.16 2.72
CA ALA B 108 5.48 -21.98 3.42
C ALA B 108 6.59 -22.53 2.53
N HIS B 109 6.40 -22.51 1.21
CA HIS B 109 7.42 -23.01 0.29
C HIS B 109 7.75 -21.97 -0.75
N TRP B 110 8.98 -21.99 -1.25
CA TRP B 110 9.37 -21.06 -2.30
C TRP B 110 10.41 -21.71 -3.22
N SER B 111 10.51 -21.21 -4.45
CA SER B 111 11.45 -21.73 -5.42
C SER B 111 11.71 -20.68 -6.50
N GLY B 112 12.93 -20.65 -7.04
CA GLY B 112 13.24 -19.69 -8.08
C GLY B 112 14.49 -18.86 -7.86
N SER B 113 14.86 -18.09 -8.87
CA SER B 113 16.03 -17.22 -8.82
C SER B 113 15.65 -15.84 -8.33
N MET B 114 16.66 -15.10 -7.87
CA MET B 114 16.47 -13.75 -7.35
C MET B 114 17.44 -12.77 -7.98
N LYS B 115 17.02 -11.52 -8.04
CA LYS B 115 17.82 -10.43 -8.58
C LYS B 115 18.19 -9.52 -7.43
N LEU B 116 19.50 -9.32 -7.25
CA LEU B 116 19.99 -8.38 -6.26
C LEU B 116 20.63 -7.28 -7.10
N THR B 117 19.99 -6.11 -7.16
CA THR B 117 20.56 -5.00 -7.91
C THR B 117 21.28 -4.05 -6.98
N PHE B 118 22.50 -3.68 -7.33
CA PHE B 118 23.29 -2.77 -6.54
C PHE B 118 23.46 -1.48 -7.31
N VAL B 119 23.23 -0.36 -6.64
CA VAL B 119 23.36 0.94 -7.28
C VAL B 119 24.37 1.78 -6.51
N PHE B 120 25.38 2.29 -7.21
CA PHE B 120 26.39 3.14 -6.59
C PHE B 120 25.87 4.58 -6.49
N CYS B 121 25.90 5.16 -5.29
CA CYS B 121 25.39 6.52 -5.09
C CYS B 121 26.43 7.58 -4.72
N GLY B 122 27.66 7.41 -5.19
CA GLY B 122 28.70 8.38 -4.89
C GLY B 122 28.69 9.39 -6.02
N SER B 123 29.69 10.27 -6.09
CA SER B 123 29.73 11.25 -7.17
C SER B 123 30.14 10.60 -8.49
N ALA B 124 29.88 11.30 -9.59
CA ALA B 124 30.24 10.84 -10.92
C ALA B 124 31.77 10.70 -11.07
N MET B 125 32.51 11.38 -10.20
CA MET B 125 33.96 11.34 -10.27
C MET B 125 34.65 10.16 -9.60
N ALA B 126 33.92 9.40 -8.80
CA ALA B 126 34.50 8.24 -8.13
C ALA B 126 34.47 7.04 -9.05
N THR B 127 35.41 6.13 -8.82
CA THR B 127 35.58 4.91 -9.61
C THR B 127 35.75 3.72 -8.67
N GLY B 128 35.57 2.51 -9.20
CA GLY B 128 35.73 1.32 -8.39
C GLY B 128 35.22 0.07 -9.06
N LYS B 129 35.76 -1.08 -8.65
CA LYS B 129 35.36 -2.39 -9.14
C LYS B 129 35.11 -3.24 -7.92
N PHE B 130 33.99 -3.96 -7.89
CA PHE B 130 33.64 -4.81 -6.77
C PHE B 130 33.31 -6.21 -7.26
N LEU B 131 33.62 -7.22 -6.46
CA LEU B 131 33.32 -8.59 -6.80
C LEU B 131 32.16 -8.99 -5.90
N ILE B 132 31.03 -9.36 -6.51
CA ILE B 132 29.84 -9.76 -5.77
C ILE B 132 29.62 -11.23 -6.08
N ALA B 133 29.58 -12.06 -5.04
CA ALA B 133 29.43 -13.50 -5.24
C ALA B 133 28.32 -14.19 -4.45
N TYR B 134 27.95 -15.36 -4.96
CA TYR B 134 26.94 -16.21 -4.35
C TYR B 134 27.60 -17.58 -4.11
N SER B 135 27.52 -18.06 -2.87
CA SER B 135 28.10 -19.35 -2.52
C SER B 135 27.05 -20.34 -2.13
N PRO B 136 26.86 -21.39 -2.94
CA PRO B 136 25.87 -22.43 -2.62
C PRO B 136 26.24 -22.96 -1.24
N PRO B 137 25.26 -23.51 -0.51
CA PRO B 137 25.58 -24.03 0.84
C PRO B 137 26.71 -25.07 0.93
N GLY B 138 27.34 -25.08 2.09
CA GLY B 138 28.45 -25.97 2.37
C GLY B 138 28.67 -25.76 3.84
N ALA B 139 29.56 -26.53 4.46
CA ALA B 139 29.78 -26.37 5.90
C ALA B 139 30.27 -24.98 6.35
N ASN B 140 31.02 -24.27 5.50
CA ASN B 140 31.58 -22.95 5.87
C ASN B 140 31.43 -21.81 4.90
N PRO B 141 31.03 -20.63 5.40
CA PRO B 141 30.88 -19.45 4.53
C PRO B 141 32.25 -18.92 4.12
N PRO B 142 32.32 -18.21 2.98
CA PRO B 142 33.62 -17.66 2.53
C PRO B 142 34.12 -16.58 3.48
N LYS B 143 35.38 -16.65 3.88
CA LYS B 143 35.93 -15.64 4.78
C LYS B 143 36.86 -14.69 4.05
N THR B 144 37.19 -15.02 2.82
CA THR B 144 38.13 -14.23 2.07
C THR B 144 37.68 -14.07 0.62
N ARG B 145 38.12 -13.02 -0.08
CA ARG B 145 37.73 -12.82 -1.48
C ARG B 145 38.16 -14.02 -2.32
N LYS B 146 39.30 -14.61 -1.96
CA LYS B 146 39.83 -15.78 -2.65
C LYS B 146 38.78 -16.91 -2.51
N ASP B 147 38.19 -17.07 -1.33
CA ASP B 147 37.17 -18.11 -1.09
C ASP B 147 35.91 -17.81 -1.90
N ALA B 148 35.49 -16.55 -1.84
CA ALA B 148 34.29 -16.10 -2.53
C ALA B 148 34.32 -16.22 -4.05
N MET B 149 35.45 -15.88 -4.66
CA MET B 149 35.58 -15.93 -6.12
C MET B 149 35.45 -17.30 -6.77
N LEU B 150 35.40 -18.36 -5.96
CA LEU B 150 35.26 -19.72 -6.50
C LEU B 150 33.79 -20.03 -6.81
N GLY B 151 32.87 -19.22 -6.29
CA GLY B 151 31.46 -19.43 -6.52
C GLY B 151 30.92 -18.56 -7.65
N THR B 152 29.60 -18.49 -7.76
CA THR B 152 28.96 -17.70 -8.79
C THR B 152 29.18 -16.22 -8.50
N HIS B 153 29.78 -15.49 -9.42
CA HIS B 153 30.01 -14.08 -9.15
C HIS B 153 30.04 -13.21 -10.39
N ILE B 154 30.02 -11.91 -10.17
CA ILE B 154 30.08 -10.94 -11.22
C ILE B 154 31.03 -9.84 -10.72
N ILE B 155 31.81 -9.25 -11.64
CA ILE B 155 32.73 -8.18 -11.30
C ILE B 155 32.12 -6.91 -11.86
N TRP B 156 31.70 -6.05 -10.94
CA TRP B 156 31.02 -4.79 -11.20
C TRP B 156 31.97 -3.61 -11.40
N ASP B 157 31.86 -2.94 -12.53
CA ASP B 157 32.71 -1.77 -12.80
C ASP B 157 31.84 -0.52 -12.79
N ILE B 158 32.24 0.50 -12.05
CA ILE B 158 31.45 1.71 -12.02
C ILE B 158 31.71 2.68 -13.20
N GLY B 159 30.63 3.15 -13.83
CA GLY B 159 30.74 4.05 -14.97
C GLY B 159 29.41 4.77 -15.14
N LEU B 160 28.97 5.03 -16.38
CA LEU B 160 27.67 5.68 -16.64
C LEU B 160 26.52 4.87 -16.07
N GLN B 161 26.60 3.54 -16.27
CA GLN B 161 25.61 2.57 -15.75
C GLN B 161 25.97 2.40 -14.26
N SER B 162 25.14 3.02 -13.42
CA SER B 162 25.29 3.03 -11.99
C SER B 162 24.93 1.75 -11.27
N SER B 163 24.01 0.98 -11.85
CA SER B 163 23.55 -0.25 -11.23
C SER B 163 24.10 -1.53 -11.87
N CYS B 164 24.18 -2.57 -11.06
CA CYS B 164 24.66 -3.86 -11.49
C CYS B 164 23.75 -4.91 -10.87
N VAL B 165 23.46 -5.96 -11.64
CA VAL B 165 22.59 -7.03 -11.18
C VAL B 165 23.28 -8.39 -10.95
N LEU B 166 23.27 -8.86 -9.70
CA LEU B 166 23.82 -10.18 -9.40
C LEU B 166 22.55 -11.01 -9.40
N CYS B 167 22.49 -12.00 -10.25
CA CYS B 167 21.31 -12.84 -10.33
C CYS B 167 21.64 -14.15 -9.62
N VAL B 168 21.07 -14.40 -8.44
CA VAL B 168 21.39 -15.65 -7.74
C VAL B 168 20.45 -16.76 -8.23
N PRO B 169 21.02 -17.75 -8.93
CA PRO B 169 20.32 -18.89 -9.52
C PRO B 169 19.74 -19.85 -8.52
N TRP B 170 18.75 -20.63 -8.96
CA TRP B 170 18.15 -21.60 -8.08
C TRP B 170 19.02 -22.85 -8.16
N ILE B 171 19.83 -23.09 -7.14
CA ILE B 171 20.69 -24.28 -7.08
C ILE B 171 20.27 -24.96 -5.77
N SER B 172 19.56 -26.08 -5.87
CA SER B 172 19.03 -26.74 -4.70
C SER B 172 18.87 -28.21 -4.98
N GLN B 173 18.85 -29.03 -3.93
CA GLN B 173 18.63 -30.46 -4.12
C GLN B 173 17.14 -30.71 -4.26
N THR B 174 16.33 -29.87 -3.60
CA THR B 174 14.87 -30.02 -3.67
C THR B 174 14.30 -28.97 -4.61
N HIS B 175 13.10 -29.23 -5.13
CA HIS B 175 12.43 -28.30 -6.02
C HIS B 175 12.02 -27.02 -5.30
N TYR B 176 11.71 -27.15 -4.02
CA TYR B 176 11.28 -26.02 -3.20
C TYR B 176 12.03 -25.99 -1.88
N ARG B 177 12.20 -24.80 -1.31
CA ARG B 177 12.81 -24.61 0.00
C ARG B 177 11.70 -24.10 0.92
N LEU B 178 11.90 -24.17 2.23
CA LEU B 178 10.91 -23.67 3.17
C LEU B 178 11.11 -22.18 3.43
N VAL B 179 10.01 -21.45 3.65
CA VAL B 179 10.11 -20.02 3.96
C VAL B 179 10.76 -19.94 5.36
N GLN B 180 10.29 -20.83 6.26
CA GLN B 180 10.84 -20.96 7.61
C GLN B 180 12.06 -21.89 7.38
N GLN B 181 13.06 -21.36 6.69
CA GLN B 181 14.26 -22.12 6.33
C GLN B 181 15.02 -22.81 7.46
N ASP B 182 15.54 -23.99 7.14
CA ASP B 182 16.33 -24.74 8.10
C ASP B 182 17.63 -25.18 7.44
N GLU B 183 18.42 -25.99 8.15
CA GLU B 183 19.71 -26.39 7.60
C GLU B 183 19.56 -27.23 6.35
N TYR B 184 18.60 -28.16 6.36
CA TYR B 184 18.36 -29.05 5.23
C TYR B 184 18.03 -28.27 3.96
N THR B 185 17.33 -27.18 4.20
CA THR B 185 16.85 -26.32 3.16
C THR B 185 17.72 -25.04 2.98
N SER B 186 18.96 -25.15 3.42
CA SER B 186 19.93 -24.07 3.36
C SER B 186 20.16 -23.55 1.92
N ALA B 187 20.26 -22.23 1.76
CA ALA B 187 20.47 -21.61 0.44
C ALA B 187 21.84 -20.96 0.20
N GLY B 188 22.63 -20.73 1.23
CA GLY B 188 23.93 -20.13 0.98
C GLY B 188 24.13 -18.69 1.39
N TYR B 189 25.19 -18.09 0.87
CA TYR B 189 25.55 -16.72 1.21
C TYR B 189 25.85 -15.83 0.03
N VAL B 190 25.65 -14.54 0.21
CA VAL B 190 25.97 -13.57 -0.83
C VAL B 190 26.95 -12.60 -0.15
N THR B 191 28.13 -12.44 -0.75
CA THR B 191 29.13 -11.54 -0.19
C THR B 191 29.70 -10.58 -1.22
N CYS B 192 30.21 -9.45 -0.76
CA CYS B 192 30.75 -8.44 -1.63
C CYS B 192 32.16 -8.02 -1.16
N TRP B 193 33.08 -7.84 -2.12
CA TRP B 193 34.46 -7.48 -1.81
C TRP B 193 34.97 -6.40 -2.73
N TYR B 194 35.99 -5.68 -2.30
CA TYR B 194 36.62 -4.68 -3.17
C TYR B 194 37.44 -5.48 -4.20
N GLN B 195 37.22 -5.23 -5.49
CA GLN B 195 38.01 -5.92 -6.51
C GLN B 195 39.32 -5.13 -6.68
N THR B 196 39.20 -3.81 -6.79
CA THR B 196 40.36 -2.92 -6.88
C THR B 196 40.19 -2.03 -5.64
N GLY B 197 39.57 -0.87 -5.80
CA GLY B 197 39.31 0.02 -4.68
C GLY B 197 38.55 1.22 -5.19
N MET B 198 37.92 1.98 -4.30
CA MET B 198 37.19 3.18 -4.72
C MET B 198 38.24 4.30 -4.79
N ILE B 199 38.58 4.76 -6.00
CA ILE B 199 39.56 5.83 -6.16
C ILE B 199 38.80 7.13 -6.41
N VAL B 200 39.39 8.22 -5.96
CA VAL B 200 38.71 9.50 -6.04
C VAL B 200 39.65 10.65 -6.43
N PRO B 201 39.14 11.65 -7.17
CA PRO B 201 40.06 12.75 -7.51
C PRO B 201 39.99 13.81 -6.40
N PRO B 202 40.77 14.90 -6.50
CA PRO B 202 40.68 15.89 -5.43
C PRO B 202 39.30 16.57 -5.38
N GLY B 203 38.87 16.92 -4.18
CA GLY B 203 37.61 17.63 -4.03
C GLY B 203 36.33 16.87 -4.11
N THR B 204 36.34 15.61 -3.69
CA THR B 204 35.13 14.79 -3.70
C THR B 204 35.10 14.14 -2.32
N PRO B 205 33.90 13.76 -1.81
CA PRO B 205 33.76 13.11 -0.49
C PRO B 205 34.59 11.83 -0.40
N ASN B 206 35.01 11.48 0.81
CA ASN B 206 35.85 10.30 1.05
C ASN B 206 35.18 8.95 1.12
N SER B 207 33.88 8.95 1.35
CA SER B 207 33.13 7.72 1.43
C SER B 207 31.80 7.92 0.72
N SER B 208 31.18 6.82 0.32
CA SER B 208 29.92 6.87 -0.39
C SER B 208 29.08 5.65 -0.02
N SER B 209 27.82 5.68 -0.45
CA SER B 209 26.88 4.60 -0.18
C SER B 209 26.50 3.82 -1.41
N ILE B 210 26.22 2.54 -1.20
CA ILE B 210 25.75 1.63 -2.24
C ILE B 210 24.38 1.15 -1.70
N MET B 211 23.40 1.00 -2.59
CA MET B 211 22.08 0.49 -2.18
C MET B 211 21.83 -0.84 -2.85
N CYS B 212 21.02 -1.66 -2.20
CA CYS B 212 20.69 -2.99 -2.69
C CYS B 212 19.18 -3.20 -2.86
N PHE B 213 18.76 -3.61 -4.04
CA PHE B 213 17.35 -3.87 -4.31
C PHE B 213 17.23 -5.37 -4.50
N ALA B 214 16.05 -5.91 -4.23
CA ALA B 214 15.79 -7.34 -4.42
C ALA B 214 14.41 -7.58 -5.01
N SER B 215 14.32 -8.57 -5.90
CA SER B 215 13.05 -8.96 -6.51
C SER B 215 13.19 -10.39 -7.03
N ALA B 216 12.06 -11.00 -7.37
CA ALA B 216 12.05 -12.36 -7.86
C ALA B 216 12.21 -12.40 -9.39
N CYS B 217 12.68 -13.52 -9.93
CA CYS B 217 12.81 -13.69 -11.37
C CYS B 217 11.55 -14.38 -11.90
N ASN B 218 11.49 -14.59 -13.20
CA ASN B 218 10.33 -15.22 -13.83
C ASN B 218 10.20 -16.74 -13.58
N ASP B 219 11.16 -17.35 -12.89
CA ASP B 219 11.10 -18.78 -12.60
C ASP B 219 10.73 -19.00 -11.11
N PHE B 220 10.38 -17.91 -10.44
CA PHE B 220 10.04 -17.92 -9.03
C PHE B 220 8.55 -18.15 -8.74
N SER B 221 8.26 -18.95 -7.71
CA SER B 221 6.88 -19.22 -7.29
C SER B 221 6.83 -19.62 -5.82
N VAL B 222 5.64 -19.48 -5.22
CA VAL B 222 5.44 -19.84 -3.81
C VAL B 222 4.32 -20.85 -3.71
N ARG B 223 4.31 -21.63 -2.63
CA ARG B 223 3.32 -22.68 -2.41
C ARG B 223 2.90 -22.70 -0.96
N MET B 224 1.78 -23.38 -0.69
CA MET B 224 1.28 -23.55 0.67
C MET B 224 0.92 -22.27 1.43
N LEU B 225 -0.27 -21.76 1.18
CA LEU B 225 -0.77 -20.55 1.83
C LEU B 225 -0.74 -20.71 3.36
N ARG B 226 -0.25 -19.71 4.08
CA ARG B 226 -0.23 -19.73 5.55
C ARG B 226 -0.35 -18.31 6.09
N ASP B 227 -0.71 -18.18 7.37
CA ASP B 227 -0.80 -16.88 7.99
C ASP B 227 0.60 -16.34 8.28
N THR B 228 0.75 -15.03 8.29
CA THR B 228 2.04 -14.41 8.51
C THR B 228 2.35 -14.20 9.99
N PRO B 229 3.63 -14.36 10.38
CA PRO B 229 4.01 -14.17 11.78
C PRO B 229 4.11 -12.68 12.13
N PHE B 230 4.05 -11.82 11.11
CA PHE B 230 4.22 -10.38 11.30
C PHE B 230 3.07 -9.50 11.78
N ILE B 231 1.94 -10.06 12.16
CA ILE B 231 0.85 -9.21 12.63
C ILE B 231 0.05 -9.95 13.68
N SER B 232 -0.34 -9.26 14.76
CA SER B 232 -1.11 -9.91 15.82
C SER B 232 -1.94 -8.95 16.65
N GLN B 233 -2.70 -9.47 17.60
CA GLN B 233 -3.51 -8.63 18.46
C GLN B 233 -3.91 -9.39 19.71
N ASP B 234 -4.14 -8.64 20.80
CA ASP B 234 -4.55 -9.19 22.09
C ASP B 234 -6.02 -8.90 22.29
N ASN B 235 -6.52 -7.89 21.60
CA ASN B 235 -7.91 -7.51 21.73
C ASN B 235 -8.52 -7.08 20.43
N LYS B 236 -9.85 -7.10 20.36
CA LYS B 236 -10.56 -6.62 19.17
C LYS B 236 -10.18 -5.14 19.12
N LEU B 237 -10.05 -4.57 17.93
CA LEU B 237 -9.73 -3.15 17.84
C LEU B 237 -11.04 -2.37 18.05
N GLN B 238 -11.06 -1.53 19.10
CA GLN B 238 -12.21 -0.70 19.55
C GLN B 238 -13.05 -1.26 20.74
N SER C 1 20.88 13.64 -29.51
CA SER C 1 20.56 12.66 -28.44
C SER C 1 19.08 12.67 -28.08
N ASP C 2 18.70 11.76 -27.17
CA ASP C 2 17.32 11.63 -26.65
C ASP C 2 17.22 12.47 -25.37
N ARG C 3 18.39 12.85 -24.85
CA ARG C 3 18.57 13.67 -23.64
C ARG C 3 17.90 15.02 -23.83
N VAL C 4 17.86 15.46 -25.10
CA VAL C 4 17.25 16.71 -25.52
C VAL C 4 15.73 16.47 -25.47
N ARG C 5 14.96 17.42 -24.95
CA ARG C 5 13.52 17.27 -24.87
C ARG C 5 12.84 18.64 -24.91
N SER C 6 11.73 18.70 -25.63
CA SER C 6 10.96 19.94 -25.78
C SER C 6 9.45 19.64 -25.60
N ILE C 7 8.77 20.37 -24.72
CA ILE C 7 7.34 20.13 -24.50
C ILE C 7 6.55 21.44 -24.56
N THR C 8 5.49 21.46 -25.38
CA THR C 8 4.70 22.67 -25.56
C THR C 8 3.24 22.47 -25.25
N LEU C 9 2.75 23.22 -24.27
CA LEU C 9 1.33 23.16 -23.90
C LEU C 9 0.88 24.61 -23.79
N GLY C 10 -0.13 24.97 -24.57
CA GLY C 10 -0.65 26.33 -24.54
C GLY C 10 0.42 27.32 -24.98
N ASN C 11 0.63 28.37 -24.19
CA ASN C 11 1.63 29.39 -24.51
C ASN C 11 2.96 29.18 -23.80
N SER C 12 3.25 27.95 -23.38
CA SER C 12 4.48 27.66 -22.65
C SER C 12 5.24 26.48 -23.21
N THR C 13 6.55 26.58 -23.21
CA THR C 13 7.40 25.50 -23.68
C THR C 13 8.51 25.23 -22.66
N ILE C 14 8.79 23.95 -22.45
CA ILE C 14 9.81 23.51 -21.52
C ILE C 14 10.87 22.78 -22.35
N THR C 15 12.15 23.02 -22.04
CA THR C 15 13.25 22.37 -22.75
C THR C 15 14.25 21.83 -21.73
N THR C 16 14.88 20.70 -22.04
CA THR C 16 15.90 20.11 -21.17
C THR C 16 17.03 19.52 -22.02
N GLN C 17 18.28 19.84 -21.66
CA GLN C 17 19.45 19.34 -22.39
C GLN C 17 20.00 17.99 -21.82
N GLU C 18 19.64 17.64 -20.58
CA GLU C 18 20.09 16.39 -19.93
C GLU C 18 18.96 15.67 -19.17
N CYS C 19 18.16 14.91 -19.88
CA CYS C 19 17.07 14.21 -19.22
C CYS C 19 17.18 12.70 -19.37
N ALA C 20 16.31 11.99 -18.66
CA ALA C 20 16.21 10.54 -18.72
C ALA C 20 15.07 10.38 -19.76
N ASN C 21 14.05 9.61 -19.48
CA ASN C 21 12.99 9.47 -20.45
C ASN C 21 11.82 10.34 -19.94
N VAL C 22 10.59 9.97 -20.27
CA VAL C 22 9.41 10.64 -19.77
C VAL C 22 8.58 9.46 -19.25
N VAL C 23 8.23 9.46 -17.97
CA VAL C 23 7.42 8.38 -17.43
C VAL C 23 5.97 8.80 -17.65
N VAL C 24 5.17 7.84 -18.10
CA VAL C 24 3.76 8.06 -18.35
C VAL C 24 2.94 7.15 -17.46
N GLY C 25 2.15 7.77 -16.58
CA GLY C 25 1.22 7.12 -15.66
C GLY C 25 1.40 5.65 -15.55
N TYR C 26 0.36 4.88 -15.75
CA TYR C 26 0.56 3.43 -15.68
C TYR C 26 0.42 3.07 -17.15
N GLY C 27 1.24 3.74 -17.95
CA GLY C 27 1.20 3.57 -19.38
C GLY C 27 -0.06 4.25 -19.93
N ARG C 28 -0.68 5.12 -19.15
CA ARG C 28 -1.92 5.76 -19.62
C ARG C 28 -1.85 7.24 -19.83
N TRP C 29 -2.03 7.65 -21.07
CA TRP C 29 -1.97 9.04 -21.43
C TRP C 29 -3.29 9.73 -21.03
N PRO C 30 -3.22 10.97 -20.51
CA PRO C 30 -4.43 11.71 -20.11
C PRO C 30 -5.44 11.76 -21.25
N THR C 31 -6.72 11.76 -20.90
CA THR C 31 -7.76 11.77 -21.92
C THR C 31 -9.10 12.30 -21.36
N TYR C 32 -9.89 12.96 -22.20
CA TYR C 32 -11.20 13.49 -21.78
C TYR C 32 -12.17 12.35 -21.46
N LEU C 33 -13.13 12.62 -20.58
CA LEU C 33 -14.13 11.64 -20.16
C LEU C 33 -15.06 11.24 -21.32
N ARG C 34 -15.22 9.93 -21.55
CA ARG C 34 -16.07 9.42 -22.63
C ARG C 34 -17.52 9.40 -22.19
N ASP C 35 -18.41 9.40 -23.17
CA ASP C 35 -19.85 9.36 -22.93
C ASP C 35 -20.31 8.13 -22.18
N ASP C 36 -19.64 7.01 -22.42
CA ASP C 36 -19.99 5.76 -21.75
C ASP C 36 -19.33 5.60 -20.38
N GLU C 37 -18.69 6.65 -19.88
CA GLU C 37 -18.11 6.59 -18.54
C GLU C 37 -18.60 7.76 -17.68
N ALA C 38 -19.49 8.58 -18.25
CA ALA C 38 -20.02 9.75 -17.55
C ALA C 38 -21.33 9.57 -16.75
N THR C 39 -21.54 10.39 -15.71
CA THR C 39 -22.78 10.38 -14.93
C THR C 39 -23.35 11.79 -15.00
N ALA C 40 -22.50 12.79 -14.69
CA ALA C 40 -22.94 14.18 -14.70
C ALA C 40 -23.36 14.55 -16.12
N GLU C 41 -24.64 14.93 -16.26
CA GLU C 41 -25.27 15.26 -17.53
C GLU C 41 -25.07 16.62 -18.18
N ASP C 42 -24.58 17.61 -17.45
CA ASP C 42 -24.41 18.91 -18.09
C ASP C 42 -23.22 18.96 -19.04
N GLN C 43 -23.32 19.81 -20.04
CA GLN C 43 -22.26 20.02 -21.02
C GLN C 43 -21.05 20.61 -20.25
N PRO C 44 -19.87 19.96 -20.30
CA PRO C 44 -18.70 20.49 -19.58
C PRO C 44 -17.95 21.61 -20.30
N THR C 45 -17.08 22.34 -19.58
CA THR C 45 -16.23 23.36 -20.20
C THR C 45 -14.88 22.70 -20.32
N GLN C 46 -14.18 23.00 -21.41
CA GLN C 46 -12.86 22.46 -21.64
C GLN C 46 -12.15 23.69 -22.12
N PRO C 47 -11.66 24.52 -21.18
CA PRO C 47 -10.94 25.78 -21.41
C PRO C 47 -9.74 25.67 -22.31
N ASP C 48 -9.24 24.45 -22.48
CA ASP C 48 -8.12 24.23 -23.35
C ASP C 48 -6.83 25.01 -22.98
N VAL C 49 -6.29 25.81 -23.91
CA VAL C 49 -5.06 26.54 -23.68
C VAL C 49 -5.00 27.41 -22.45
N ALA C 50 -6.15 27.94 -22.02
CA ALA C 50 -6.18 28.80 -20.85
C ALA C 50 -5.83 28.08 -19.56
N THR C 51 -6.15 26.79 -19.50
CA THR C 51 -5.87 25.99 -18.30
C THR C 51 -4.81 24.93 -18.51
N CYS C 52 -4.78 24.34 -19.69
CA CYS C 52 -3.80 23.31 -19.96
C CYS C 52 -2.49 23.94 -20.48
N ARG C 53 -1.70 24.43 -19.51
CA ARG C 53 -0.42 25.10 -19.77
C ARG C 53 0.49 24.93 -18.54
N PHE C 54 1.76 25.28 -18.68
CA PHE C 54 2.70 25.13 -17.56
C PHE C 54 2.70 26.23 -16.51
N TYR C 55 2.56 25.80 -15.25
CA TYR C 55 2.57 26.69 -14.09
C TYR C 55 3.79 26.33 -13.22
N THR C 56 4.59 27.33 -12.90
CA THR C 56 5.78 27.14 -12.08
C THR C 56 5.51 27.59 -10.64
N LEU C 57 5.63 26.64 -9.72
CA LEU C 57 5.41 26.89 -8.31
C LEU C 57 6.63 27.60 -7.73
N ASP C 58 6.55 28.05 -6.48
CA ASP C 58 7.69 28.70 -5.82
C ASP C 58 8.81 27.68 -5.71
N SER C 59 10.06 28.11 -5.85
CA SER C 59 11.21 27.20 -5.76
C SER C 59 11.59 26.91 -4.32
N ILE C 60 12.43 25.89 -4.12
CA ILE C 60 12.93 25.52 -2.77
C ILE C 60 14.43 25.25 -2.84
N LYS C 61 15.09 25.19 -1.69
CA LYS C 61 16.52 24.93 -1.62
C LYS C 61 16.84 23.52 -1.15
N TRP C 62 17.68 22.82 -1.90
CA TRP C 62 18.13 21.49 -1.53
C TRP C 62 19.49 21.77 -0.85
N GLU C 63 19.57 21.48 0.44
CA GLU C 63 20.81 21.71 1.19
C GLU C 63 21.31 20.36 1.66
N LYS C 64 22.58 20.31 2.06
CA LYS C 64 23.19 19.06 2.51
C LYS C 64 22.33 18.29 3.51
N GLY C 65 21.64 19.01 4.40
CA GLY C 65 20.82 18.35 5.39
C GLY C 65 19.34 18.24 5.09
N SER C 66 18.91 18.49 3.85
CA SER C 66 17.49 18.39 3.51
C SER C 66 17.02 16.94 3.64
N VAL C 67 15.74 16.73 3.93
CA VAL C 67 15.22 15.38 4.09
C VAL C 67 14.13 14.96 3.11
N GLY C 68 13.38 15.92 2.54
CA GLY C 68 12.33 15.57 1.60
C GLY C 68 11.16 16.54 1.65
N TRP C 69 10.35 16.59 0.58
CA TRP C 69 9.19 17.49 0.50
C TRP C 69 8.03 16.82 -0.20
N TRP C 70 6.83 17.40 -0.05
CA TRP C 70 5.64 16.89 -0.71
C TRP C 70 4.69 18.05 -1.05
N TRP C 71 3.89 17.88 -2.10
CA TRP C 71 2.89 18.86 -2.54
C TRP C 71 1.65 18.03 -2.90
N LYS C 72 0.47 18.45 -2.46
CA LYS C 72 -0.76 17.73 -2.78
C LYS C 72 -1.50 18.37 -3.94
N PHE C 73 -2.00 17.54 -4.85
CA PHE C 73 -2.73 18.04 -6.02
C PHE C 73 -4.20 17.63 -5.96
N PRO C 74 -5.09 18.47 -6.52
CA PRO C 74 -4.91 19.75 -7.19
C PRO C 74 -4.67 20.98 -6.31
N GLU C 75 -4.77 20.83 -4.99
CA GLU C 75 -4.58 21.96 -4.08
C GLU C 75 -3.40 22.86 -4.46
N ALA C 76 -2.25 22.26 -4.74
CA ALA C 76 -1.06 23.03 -5.10
C ALA C 76 -1.28 24.03 -6.22
N LEU C 77 -2.25 23.77 -7.08
CA LEU C 77 -2.54 24.65 -8.22
C LEU C 77 -3.79 25.53 -8.03
N SER C 78 -4.41 25.51 -6.85
CA SER C 78 -5.62 26.28 -6.63
C SER C 78 -5.58 27.79 -6.89
N ASP C 79 -4.39 28.38 -6.97
CA ASP C 79 -4.28 29.82 -7.24
C ASP C 79 -3.71 30.13 -8.59
N MET C 80 -3.45 29.10 -9.38
CA MET C 80 -2.86 29.31 -10.68
C MET C 80 -3.83 29.71 -11.78
N GLY C 81 -3.80 30.98 -12.15
CA GLY C 81 -4.63 31.51 -13.21
C GLY C 81 -6.03 30.97 -13.37
N LEU C 82 -6.40 30.68 -14.62
CA LEU C 82 -7.72 30.18 -14.93
C LEU C 82 -7.93 28.75 -14.48
N PHE C 83 -6.85 28.03 -14.20
CA PHE C 83 -7.04 26.68 -13.71
C PHE C 83 -7.69 26.80 -12.32
N GLY C 84 -7.13 27.66 -11.47
CA GLY C 84 -7.68 27.89 -10.16
C GLY C 84 -9.09 28.46 -10.22
N GLN C 85 -9.31 29.40 -11.13
CA GLN C 85 -10.64 30.01 -11.28
C GLN C 85 -11.70 28.98 -11.62
N ASN C 86 -11.38 28.10 -12.56
CA ASN C 86 -12.31 27.06 -12.96
C ASN C 86 -12.59 26.07 -11.83
N MET C 87 -11.59 25.83 -10.98
CA MET C 87 -11.74 24.94 -9.82
C MET C 87 -12.75 25.55 -8.86
N GLN C 88 -12.70 26.87 -8.72
CA GLN C 88 -13.60 27.55 -7.81
C GLN C 88 -15.05 27.63 -8.20
N TYR C 89 -15.29 27.83 -9.50
CA TYR C 89 -16.66 27.96 -10.00
C TYR C 89 -17.39 26.66 -10.27
N HIS C 90 -16.68 25.54 -10.24
CA HIS C 90 -17.27 24.24 -10.53
C HIS C 90 -17.26 23.23 -9.41
N TYR C 91 -18.36 22.50 -9.31
CA TYR C 91 -18.53 21.46 -8.32
C TYR C 91 -17.62 20.27 -8.67
N LEU C 92 -17.52 19.93 -9.95
CA LEU C 92 -16.72 18.80 -10.40
C LEU C 92 -15.64 19.21 -11.39
N GLY C 93 -14.53 18.50 -11.34
CA GLY C 93 -13.40 18.73 -12.23
C GLY C 93 -12.69 17.42 -12.51
N ARG C 94 -11.84 17.41 -13.52
CA ARG C 94 -11.10 16.22 -13.91
C ARG C 94 -9.89 16.65 -14.74
N ALA C 95 -8.71 16.08 -14.48
CA ALA C 95 -7.50 16.44 -15.21
C ALA C 95 -6.32 15.49 -14.97
N GLY C 96 -5.42 15.47 -15.95
CA GLY C 96 -4.20 14.70 -15.85
C GLY C 96 -3.12 15.78 -15.77
N TYR C 97 -1.85 15.45 -15.61
CA TYR C 97 -0.82 16.48 -15.51
C TYR C 97 0.54 16.07 -16.04
N THR C 98 1.30 17.05 -16.51
CA THR C 98 2.66 16.81 -16.92
C THR C 98 3.47 17.49 -15.81
N ILE C 99 4.18 16.70 -15.03
CA ILE C 99 5.00 17.22 -13.93
C ILE C 99 6.46 17.25 -14.36
N HIS C 100 7.08 18.43 -14.26
CA HIS C 100 8.48 18.60 -14.64
C HIS C 100 9.30 19.18 -13.48
N VAL C 101 10.06 18.30 -12.83
CA VAL C 101 10.88 18.69 -11.68
C VAL C 101 12.28 19.03 -12.18
N GLN C 102 12.73 20.26 -11.89
CA GLN C 102 14.02 20.77 -12.33
C GLN C 102 15.06 20.89 -11.24
N CYS C 103 16.27 20.43 -11.53
CA CYS C 103 17.36 20.48 -10.56
C CYS C 103 18.72 20.30 -11.24
N ASN C 104 19.45 21.41 -11.41
CA ASN C 104 20.78 21.36 -12.04
C ASN C 104 21.86 21.62 -11.02
N ALA C 105 23.00 20.94 -11.15
CA ALA C 105 24.10 21.11 -10.22
C ALA C 105 25.39 21.29 -11.04
N SER C 106 26.28 20.31 -11.02
CA SER C 106 27.51 20.41 -11.80
C SER C 106 28.11 19.01 -11.80
N LYS C 107 29.14 18.81 -12.62
CA LYS C 107 29.78 17.51 -12.69
C LYS C 107 30.55 17.16 -11.41
N PHE C 108 30.69 18.12 -10.50
CA PHE C 108 31.41 17.88 -9.25
C PHE C 108 30.53 17.73 -8.02
N HIS C 109 29.22 17.84 -8.22
CA HIS C 109 28.24 17.69 -7.14
C HIS C 109 27.73 16.25 -7.22
N GLN C 110 27.19 15.74 -6.12
CA GLN C 110 26.62 14.40 -6.10
C GLN C 110 25.33 14.48 -5.30
N GLY C 111 24.38 13.58 -5.60
CA GLY C 111 23.11 13.57 -4.89
C GLY C 111 22.09 12.83 -5.74
N CYS C 112 21.02 12.35 -5.13
CA CYS C 112 20.01 11.61 -5.88
C CYS C 112 18.63 11.71 -5.24
N LEU C 113 17.67 12.19 -6.03
CA LEU C 113 16.28 12.38 -5.59
C LEU C 113 15.30 11.37 -6.19
N LEU C 114 14.30 10.99 -5.42
CA LEU C 114 13.25 10.13 -5.95
C LEU C 114 12.12 11.13 -6.23
N VAL C 115 11.54 11.08 -7.42
CA VAL C 115 10.42 11.97 -7.75
C VAL C 115 9.26 11.00 -8.01
N VAL C 116 8.29 10.97 -7.09
CA VAL C 116 7.15 10.05 -7.17
C VAL C 116 5.81 10.76 -7.08
N CYS C 117 4.79 10.12 -7.64
CA CYS C 117 3.42 10.63 -7.56
C CYS C 117 2.61 9.53 -6.91
N VAL C 118 2.18 9.78 -5.69
CA VAL C 118 1.42 8.81 -4.93
C VAL C 118 -0.08 9.10 -4.97
N PRO C 119 -0.86 8.23 -5.63
CA PRO C 119 -2.32 8.40 -5.72
C PRO C 119 -2.91 8.12 -4.32
N GLU C 120 -3.89 8.90 -3.88
CA GLU C 120 -4.51 8.71 -2.56
C GLU C 120 -3.47 8.60 -1.42
N ALA C 121 -2.61 9.60 -1.28
CA ALA C 121 -1.59 9.55 -0.25
C ALA C 121 -2.15 9.95 1.12
N GLU C 122 -3.07 9.15 1.62
CA GLU C 122 -3.71 9.37 2.92
C GLU C 122 -2.63 9.25 4.01
N MET C 123 -2.52 10.28 4.86
CA MET C 123 -1.49 10.31 5.90
C MET C 123 -1.96 10.19 7.34
N GLY C 124 -1.05 9.71 8.22
CA GLY C 124 -1.33 9.56 9.64
C GLY C 124 -0.94 10.78 10.47
N GLY C 125 -1.60 10.98 11.60
CA GLY C 125 -1.32 12.13 12.46
C GLY C 125 -0.04 11.98 13.27
N ALA C 126 0.54 13.09 13.71
CA ALA C 126 1.78 13.03 14.49
C ALA C 126 1.52 12.22 15.77
N VAL C 127 0.35 12.42 16.38
CA VAL C 127 0.03 11.63 17.57
C VAL C 127 -1.22 10.80 17.21
N VAL C 128 -1.09 9.47 17.27
CA VAL C 128 -2.19 8.60 16.87
C VAL C 128 -3.48 8.88 17.60
N GLY C 129 -4.57 8.99 16.84
CA GLY C 129 -5.86 9.29 17.42
C GLY C 129 -6.21 10.77 17.37
N GLN C 130 -5.21 11.64 17.31
CA GLN C 130 -5.41 13.09 17.26
C GLN C 130 -5.63 13.60 15.85
N ALA C 131 -6.78 14.21 15.60
CA ALA C 131 -7.07 14.76 14.28
C ALA C 131 -6.27 16.04 14.01
N PHE C 132 -5.93 16.28 12.76
CA PHE C 132 -5.20 17.48 12.32
C PHE C 132 -6.09 18.16 11.27
N SER C 133 -5.73 19.37 10.86
CA SER C 133 -6.53 20.09 9.87
C SER C 133 -5.84 20.07 8.50
N ALA C 134 -6.57 20.50 7.46
CA ALA C 134 -6.05 20.49 6.09
C ALA C 134 -4.72 21.21 5.97
N THR C 135 -4.57 22.22 6.80
CA THR C 135 -3.39 23.04 6.83
C THR C 135 -2.09 22.26 7.18
N ALA C 136 -2.26 21.08 7.77
CA ALA C 136 -1.12 20.25 8.14
C ALA C 136 -0.57 19.49 6.94
N MET C 137 -1.29 19.52 5.82
CA MET C 137 -0.82 18.81 4.65
C MET C 137 -0.77 19.57 3.31
N ALA C 138 -1.54 20.64 3.17
CA ALA C 138 -1.55 21.42 1.92
C ALA C 138 -2.06 22.83 2.12
N ASN C 139 -1.54 23.74 1.32
CA ASN C 139 -1.92 25.14 1.39
C ASN C 139 -1.34 25.88 0.18
N GLY C 140 -2.07 25.87 -0.93
CA GLY C 140 -1.58 26.53 -2.12
C GLY C 140 -0.35 25.81 -2.61
N ASP C 141 0.62 26.52 -3.16
CA ASP C 141 1.83 25.87 -3.67
C ASP C 141 2.95 25.78 -2.65
N LYS C 142 2.61 25.84 -1.36
CA LYS C 142 3.61 25.75 -0.30
C LYS C 142 4.17 24.34 -0.19
N ALA C 143 5.49 24.19 -0.24
CA ALA C 143 6.13 22.88 -0.11
C ALA C 143 6.11 22.43 1.37
N TYR C 144 5.69 21.20 1.64
CA TYR C 144 5.69 20.70 3.01
C TYR C 144 6.92 19.82 3.18
N GLU C 145 7.52 19.79 4.36
CA GLU C 145 8.71 18.95 4.52
C GLU C 145 8.67 17.82 5.51
N PHE C 146 9.34 16.74 5.15
CA PHE C 146 9.42 15.57 6.01
C PHE C 146 10.55 15.87 7.01
N THR C 147 10.69 15.02 8.02
CA THR C 147 11.71 15.20 9.04
C THR C 147 12.42 13.88 9.31
N SER C 148 13.60 13.93 9.93
CA SER C 148 14.30 12.69 10.25
C SER C 148 13.68 12.14 11.50
N ALA C 149 13.54 13.02 12.49
CA ALA C 149 13.00 12.66 13.78
C ALA C 149 11.52 12.42 13.65
N THR C 150 10.95 11.68 14.59
CA THR C 150 9.52 11.43 14.54
C THR C 150 8.81 12.70 15.09
N GLN C 151 7.71 13.09 14.44
CA GLN C 151 6.95 14.29 14.79
C GLN C 151 6.21 14.19 16.13
N SER C 152 6.30 15.26 16.94
CA SER C 152 5.66 15.33 18.27
C SER C 152 4.47 16.26 18.28
N ASP C 153 4.53 17.27 17.43
CA ASP C 153 3.49 18.27 17.32
C ASP C 153 2.20 17.66 16.77
N GLN C 154 1.20 17.56 17.63
CA GLN C 154 -0.07 16.97 17.26
C GLN C 154 -0.86 17.72 16.20
N THR C 155 -0.48 18.95 15.90
CA THR C 155 -1.19 19.70 14.87
C THR C 155 -0.64 19.30 13.51
N LYS C 156 0.41 18.48 13.52
CA LYS C 156 1.05 18.03 12.30
C LYS C 156 0.83 16.57 11.95
N VAL C 157 1.27 16.23 10.76
CA VAL C 157 1.16 14.90 10.22
C VAL C 157 2.44 14.17 10.68
N GLN C 158 2.44 12.84 10.73
CA GLN C 158 3.65 12.13 11.13
C GLN C 158 4.68 12.24 9.99
N THR C 159 5.54 13.23 10.09
CA THR C 159 6.55 13.54 9.07
C THR C 159 7.84 12.72 8.98
N ALA C 160 8.03 11.71 9.85
CA ALA C 160 9.26 10.90 9.82
C ALA C 160 9.44 10.32 8.41
N ILE C 161 10.49 10.78 7.72
CA ILE C 161 10.74 10.36 6.34
C ILE C 161 10.71 8.88 5.99
N HIS C 162 11.35 8.03 6.78
CA HIS C 162 11.38 6.61 6.44
C HIS C 162 10.03 5.89 6.33
N ASN C 163 8.93 6.51 6.76
CA ASN C 163 7.61 5.88 6.63
C ASN C 163 6.71 6.69 5.70
N ALA C 164 7.30 7.71 5.07
CA ALA C 164 6.64 8.59 4.11
C ALA C 164 5.25 9.13 4.51
N GLY C 165 4.99 9.21 5.82
CA GLY C 165 3.71 9.70 6.30
C GLY C 165 2.54 8.76 6.05
N MET C 166 2.84 7.55 5.56
CA MET C 166 1.80 6.58 5.25
C MET C 166 1.91 5.24 5.95
N GLY C 167 2.95 5.04 6.75
CA GLY C 167 3.10 3.78 7.47
C GLY C 167 3.65 2.63 6.64
N VAL C 168 4.37 2.97 5.58
CA VAL C 168 4.95 1.98 4.68
C VAL C 168 6.45 2.22 4.60
N GLY C 169 7.16 1.34 3.89
CA GLY C 169 8.59 1.49 3.77
C GLY C 169 8.92 2.48 2.67
N VAL C 170 9.63 3.55 2.99
CA VAL C 170 9.97 4.54 1.98
C VAL C 170 10.70 3.97 0.73
N GLY C 171 11.45 2.88 0.88
CA GLY C 171 12.14 2.33 -0.28
C GLY C 171 11.25 1.56 -1.24
N ASN C 172 9.97 1.45 -0.90
CA ASN C 172 9.01 0.73 -1.75
C ASN C 172 8.08 1.67 -2.50
N LEU C 173 8.35 2.98 -2.41
CA LEU C 173 7.53 3.96 -3.11
C LEU C 173 7.69 3.86 -4.61
N THR C 174 8.62 3.02 -5.06
CA THR C 174 8.87 2.83 -6.48
C THR C 174 7.74 2.15 -7.25
N ILE C 175 6.72 1.60 -6.57
CA ILE C 175 5.63 0.99 -7.35
C ILE C 175 4.69 2.03 -7.90
N TYR C 176 4.92 3.28 -7.52
CA TYR C 176 4.11 4.37 -8.02
C TYR C 176 4.92 5.02 -9.13
N PRO C 177 4.25 5.70 -10.08
CA PRO C 177 4.96 6.37 -11.19
C PRO C 177 6.09 7.24 -10.62
N HIS C 178 7.31 7.02 -11.08
CA HIS C 178 8.44 7.78 -10.57
C HIS C 178 9.61 7.87 -11.54
N GLN C 179 10.56 8.72 -11.17
CA GLN C 179 11.77 8.92 -11.94
C GLN C 179 12.79 9.36 -10.90
N TRP C 180 14.07 9.16 -11.19
CA TRP C 180 15.15 9.56 -10.26
C TRP C 180 15.94 10.69 -10.87
N ILE C 181 16.36 11.66 -10.05
CA ILE C 181 17.23 12.71 -10.57
C ILE C 181 18.57 12.43 -9.88
N ASN C 182 19.47 11.77 -10.59
CA ASN C 182 20.79 11.47 -10.04
C ASN C 182 21.68 12.57 -10.64
N LEU C 183 22.16 13.49 -9.81
CA LEU C 183 22.94 14.64 -10.29
C LEU C 183 24.02 14.38 -11.31
N ARG C 184 24.53 13.16 -11.24
CA ARG C 184 25.58 12.66 -12.09
C ARG C 184 25.14 12.44 -13.56
N THR C 185 23.84 12.20 -13.77
CA THR C 185 23.28 11.94 -15.11
C THR C 185 22.08 12.83 -15.56
N ASN C 186 21.16 13.12 -14.64
CA ASN C 186 19.97 13.97 -14.89
C ASN C 186 20.14 15.41 -14.47
N ASN C 187 19.06 16.15 -14.74
CA ASN C 187 18.98 17.56 -14.47
C ASN C 187 17.49 17.90 -14.32
N SER C 188 16.65 16.91 -14.56
CA SER C 188 15.19 17.05 -14.45
C SER C 188 14.48 15.70 -14.53
N ALA C 189 13.19 15.69 -14.20
CA ALA C 189 12.37 14.47 -14.25
C ALA C 189 11.00 14.89 -14.77
N THR C 190 10.42 14.10 -15.66
CA THR C 190 9.11 14.41 -16.23
C THR C 190 8.17 13.21 -16.11
N ILE C 191 7.06 13.41 -15.41
CA ILE C 191 6.09 12.34 -15.22
C ILE C 191 4.75 12.86 -15.68
N VAL C 192 4.08 12.10 -16.54
CA VAL C 192 2.75 12.47 -17.05
C VAL C 192 1.74 11.61 -16.26
N MET C 193 0.94 12.22 -15.39
CA MET C 193 -0.06 11.47 -14.60
C MET C 193 -1.46 11.53 -15.20
N PRO C 194 -2.08 10.37 -15.46
CA PRO C 194 -3.43 10.43 -16.03
C PRO C 194 -4.42 10.61 -14.84
N TYR C 195 -5.70 10.81 -15.11
CA TYR C 195 -6.64 10.94 -14.00
C TYR C 195 -6.91 9.54 -13.43
N ILE C 196 -6.67 9.39 -12.12
CA ILE C 196 -6.86 8.13 -11.41
C ILE C 196 -7.77 8.35 -10.21
N ASN C 197 -8.92 7.68 -10.20
CA ASN C 197 -9.89 7.82 -9.13
C ASN C 197 -10.93 6.68 -9.26
N SER C 198 -11.74 6.47 -8.23
CA SER C 198 -12.75 5.43 -8.25
C SER C 198 -14.09 5.93 -8.79
N VAL C 199 -14.15 7.23 -9.13
CA VAL C 199 -15.35 7.83 -9.70
C VAL C 199 -14.87 8.63 -10.91
N PRO C 200 -15.75 8.82 -11.91
CA PRO C 200 -15.38 9.56 -13.13
C PRO C 200 -14.87 11.00 -13.01
N MET C 201 -15.40 11.75 -12.05
CA MET C 201 -14.99 13.14 -11.81
C MET C 201 -15.07 13.33 -10.32
N ASP C 202 -14.53 14.41 -9.81
CA ASP C 202 -14.60 14.62 -8.38
C ASP C 202 -14.43 16.09 -8.08
N ASN C 203 -14.73 16.48 -6.85
CA ASN C 203 -14.58 17.86 -6.43
C ASN C 203 -13.10 18.08 -6.22
N MET C 204 -12.59 19.20 -6.74
CA MET C 204 -11.18 19.46 -6.67
C MET C 204 -10.59 20.04 -5.41
N PHE C 205 -11.44 20.48 -4.48
CA PHE C 205 -10.94 21.07 -3.23
C PHE C 205 -10.90 20.04 -2.14
N ARG C 206 -11.97 19.29 -2.07
CA ARG C 206 -12.22 18.26 -1.07
C ARG C 206 -11.39 16.98 -1.20
N HIS C 207 -10.86 16.69 -2.38
CA HIS C 207 -10.10 15.46 -2.59
C HIS C 207 -8.73 15.70 -3.22
N TYR C 208 -7.67 15.28 -2.55
CA TYR C 208 -6.32 15.42 -3.11
C TYR C 208 -6.05 14.12 -3.87
N ASN C 209 -6.23 14.12 -5.19
CA ASN C 209 -6.04 12.91 -6.01
C ASN C 209 -4.68 12.24 -5.89
N PHE C 210 -3.62 13.04 -5.83
CA PHE C 210 -2.29 12.47 -5.69
C PHE C 210 -1.33 13.49 -5.07
N THR C 211 -0.25 12.96 -4.50
CA THR C 211 0.76 13.77 -3.85
C THR C 211 2.11 13.56 -4.52
N LEU C 212 2.78 14.67 -4.84
CA LEU C 212 4.10 14.62 -5.43
C LEU C 212 5.11 14.65 -4.28
N MET C 213 6.02 13.68 -4.23
CA MET C 213 7.05 13.67 -3.18
C MET C 213 8.42 13.70 -3.83
N VAL C 214 9.30 14.54 -3.32
CA VAL C 214 10.67 14.63 -3.84
C VAL C 214 11.53 14.33 -2.62
N ILE C 215 12.20 13.18 -2.65
CA ILE C 215 13.00 12.74 -1.52
C ILE C 215 14.45 12.43 -1.83
N PRO C 216 15.37 13.10 -1.12
CA PRO C 216 16.81 12.86 -1.34
C PRO C 216 17.22 11.47 -0.76
N PHE C 217 17.42 10.46 -1.60
CA PHE C 217 17.86 9.16 -1.08
C PHE C 217 19.37 9.20 -0.85
N VAL C 218 20.08 10.01 -1.64
CA VAL C 218 21.51 10.20 -1.47
C VAL C 218 21.68 11.72 -1.27
N LYS C 219 22.19 12.10 -0.11
CA LYS C 219 22.39 13.50 0.27
C LYS C 219 23.19 14.36 -0.70
N LEU C 220 22.87 15.65 -0.73
CA LEU C 220 23.57 16.60 -1.60
C LEU C 220 24.97 16.80 -1.01
N ASP C 221 26.00 16.65 -1.83
CA ASP C 221 27.33 16.87 -1.32
C ASP C 221 28.19 17.49 -2.39
N TYR C 222 29.18 18.27 -1.96
CA TYR C 222 30.10 18.97 -2.85
C TYR C 222 31.32 19.43 -2.07
N ALA C 223 32.35 19.85 -2.79
CA ALA C 223 33.60 20.30 -2.20
C ALA C 223 33.70 21.82 -2.10
N ASP C 224 34.88 22.38 -2.36
CA ASP C 224 35.11 23.82 -2.23
C ASP C 224 34.54 24.72 -3.32
N THR C 225 33.26 24.55 -3.62
CA THR C 225 32.59 25.37 -4.62
C THR C 225 31.92 26.53 -3.90
N ALA C 226 31.87 27.66 -4.58
CA ALA C 226 31.24 28.84 -4.01
C ALA C 226 29.70 28.70 -3.93
N SER C 227 29.11 27.81 -4.75
CA SER C 227 27.66 27.58 -4.75
C SER C 227 27.37 26.83 -3.48
N THR C 228 26.27 27.17 -2.80
CA THR C 228 25.94 26.46 -1.58
C THR C 228 24.71 25.57 -1.78
N TYR C 229 23.52 26.16 -1.83
CA TYR C 229 22.30 25.40 -2.05
C TYR C 229 22.07 25.15 -3.53
N VAL C 230 21.28 24.13 -3.83
CA VAL C 230 20.93 23.80 -5.21
C VAL C 230 19.41 23.93 -5.25
N PRO C 231 18.88 24.88 -6.04
CA PRO C 231 17.42 25.02 -6.11
C PRO C 231 16.70 23.85 -6.79
N ILE C 232 15.47 23.60 -6.36
CA ILE C 232 14.62 22.58 -6.96
C ILE C 232 13.34 23.34 -7.35
N THR C 233 12.94 23.26 -8.62
CA THR C 233 11.74 23.93 -9.09
C THR C 233 10.76 22.95 -9.73
N VAL C 234 9.48 23.11 -9.43
CA VAL C 234 8.43 22.24 -9.95
C VAL C 234 7.53 23.03 -10.89
N THR C 235 7.41 22.56 -12.12
CA THR C 235 6.55 23.18 -13.11
C THR C 235 5.56 22.11 -13.53
N VAL C 236 4.27 22.41 -13.48
CA VAL C 236 3.27 21.41 -13.85
C VAL C 236 2.17 21.98 -14.75
N ALA C 237 1.71 21.15 -15.69
CA ALA C 237 0.67 21.54 -16.64
C ALA C 237 -0.51 20.59 -16.61
N PRO C 238 -1.71 21.12 -16.35
CA PRO C 238 -2.92 20.29 -16.32
C PRO C 238 -3.14 19.81 -17.77
N MET C 239 -3.77 18.65 -17.94
CA MET C 239 -4.01 18.13 -19.27
C MET C 239 -5.41 17.60 -19.36
N CYS C 240 -6.14 18.02 -20.40
CA CYS C 240 -7.51 17.56 -20.62
C CYS C 240 -8.42 17.93 -19.47
N ALA C 241 -8.29 19.16 -19.01
CA ALA C 241 -9.08 19.62 -17.89
C ALA C 241 -10.51 19.90 -18.36
N GLU C 242 -11.48 19.35 -17.63
CA GLU C 242 -12.89 19.58 -17.91
C GLU C 242 -13.64 19.70 -16.60
N TYR C 243 -14.65 20.56 -16.60
CA TYR C 243 -15.41 20.83 -15.39
C TYR C 243 -16.90 20.77 -15.62
N ASN C 244 -17.62 20.40 -14.58
CA ASN C 244 -19.08 20.30 -14.62
C ASN C 244 -19.68 20.94 -13.36
N GLY C 245 -20.98 21.26 -13.43
CA GLY C 245 -21.68 21.85 -12.30
C GLY C 245 -21.26 23.25 -11.92
N LEU C 246 -21.49 24.18 -12.83
CA LEU C 246 -21.14 25.58 -12.62
C LEU C 246 -22.11 26.20 -11.63
N ARG C 247 -21.60 27.11 -10.79
CA ARG C 247 -22.39 27.82 -9.78
C ARG C 247 -21.48 28.91 -9.20
N LEU C 248 -21.85 29.52 -8.08
CA LEU C 248 -21.00 30.56 -7.51
C LEU C 248 -19.66 30.02 -7.04
N ALA C 249 -18.64 30.88 -7.10
CA ALA C 249 -17.28 30.52 -6.73
C ALA C 249 -17.13 30.20 -5.25
N GLN C 250 -16.32 29.19 -4.93
CA GLN C 250 -16.09 28.83 -3.55
C GLN C 250 -15.10 29.85 -2.99
N ALA C 251 -15.54 30.54 -1.94
CA ALA C 251 -14.78 31.61 -1.25
C ALA C 251 -13.25 31.41 -1.13
N GLN C 252 -12.83 30.19 -0.80
CA GLN C 252 -11.40 29.88 -0.64
C GLN C 252 -10.86 28.90 -1.71
#